data_8SUK
#
_entry.id   8SUK
#
_cell.length_a   244.542
_cell.length_b   38.981
_cell.length_c   115.641
_cell.angle_alpha   90.00
_cell.angle_beta   91.41
_cell.angle_gamma   90.00
#
_symmetry.space_group_name_H-M   'C 1 2 1'
#
loop_
_entity.id
_entity.type
_entity.pdbx_description
1 polymer DarR
2 polymer "DNA (5'-D(*AP*A)-3')"
3 non-polymer 'SULFATE ION'
4 water water
#
loop_
_entity_poly.entity_id
_entity_poly.type
_entity_poly.pdbx_seq_one_letter_code
_entity_poly.pdbx_strand_id
1 'polypeptide(L)'
;GSHMSASAEPESDVKGRILDAAADAFMLRGFANTTIDDIADDVGATKGLIYYHFRSKFDIFLAVYEDGMRRVRERVEPYV
GAPGTGRQRLVAMSVAHVENLMIDLGYHHVVHQGVRDQASTALKVRQRDALAALNELRRDYERMFHHVITEGIADGSLRN
VDDALATRTLLSNLNAVDVWYRKIEGQTEKEVHDLASQVVDLLIGGIGATAD
;
A,B,C,D
2 'polydeoxyribonucleotide' (DA)(DA) J,K
#
# COMPACT_ATOMS: atom_id res chain seq x y z
N ASP A 13 -11.90 51.48 -21.02
CA ASP A 13 -11.23 52.21 -22.10
C ASP A 13 -9.73 52.40 -21.84
N VAL A 14 -9.40 53.22 -20.84
CA VAL A 14 -8.03 53.29 -20.34
C VAL A 14 -7.93 52.67 -18.95
N LYS A 15 -8.99 52.76 -18.15
CA LYS A 15 -9.07 52.04 -16.89
C LYS A 15 -8.78 50.56 -17.08
N GLY A 16 -9.25 50.00 -18.20
CA GLY A 16 -8.99 48.60 -18.46
C GLY A 16 -7.51 48.26 -18.50
N ARG A 17 -6.67 49.23 -18.88
CA ARG A 17 -5.23 48.97 -18.87
C ARG A 17 -4.69 48.82 -17.46
N ILE A 18 -5.21 49.62 -16.50
CA ILE A 18 -4.80 49.46 -15.11
C ILE A 18 -5.35 48.16 -14.53
N LEU A 19 -6.55 47.76 -14.95
CA LEU A 19 -7.11 46.51 -14.43
C LEU A 19 -6.32 45.31 -14.94
N ASP A 20 -5.95 45.32 -16.23
CA ASP A 20 -5.09 44.28 -16.77
C ASP A 20 -3.77 44.21 -16.01
N ALA A 21 -3.17 45.37 -15.72
CA ALA A 21 -1.86 45.40 -15.09
C ALA A 21 -1.93 44.95 -13.64
N ALA A 22 -3.00 45.32 -12.93
CA ALA A 22 -3.12 44.91 -11.54
C ALA A 22 -3.39 43.42 -11.41
N ALA A 23 -4.18 42.87 -12.33
CA ALA A 23 -4.52 41.45 -12.30
C ALA A 23 -3.28 40.60 -12.43
N ASP A 24 -2.42 40.91 -13.39
CA ASP A 24 -1.19 40.17 -13.61
C ASP A 24 -0.18 40.40 -12.49
N ALA A 25 -0.09 41.61 -11.98
CA ALA A 25 0.83 41.84 -10.87
C ALA A 25 0.33 41.13 -9.61
N PHE A 26 -0.98 41.13 -9.36
CA PHE A 26 -1.50 40.37 -8.23
C PHE A 26 -1.24 38.89 -8.41
N MET A 27 -1.22 38.41 -9.64
CA MET A 27 -1.00 37.00 -9.90
C MET A 27 0.44 36.60 -9.61
N LEU A 28 1.40 37.36 -10.14
CA LEU A 28 2.81 37.00 -9.96
C LEU A 28 3.32 37.36 -8.57
N ARG A 29 3.24 38.64 -8.22
CA ARG A 29 3.76 39.06 -6.92
C ARG A 29 2.89 38.57 -5.78
N GLY A 30 1.61 38.39 -6.00
CA GLY A 30 0.71 38.27 -4.87
C GLY A 30 0.12 39.61 -4.49
N PHE A 31 -1.08 39.58 -3.90
CA PHE A 31 -1.80 40.81 -3.62
C PHE A 31 -1.00 41.73 -2.72
N ALA A 32 -0.37 41.18 -1.68
CA ALA A 32 0.24 42.03 -0.67
C ALA A 32 1.55 42.64 -1.15
N ASN A 33 2.31 41.94 -1.98
CA ASN A 33 3.64 42.39 -2.36
C ASN A 33 3.65 43.28 -3.61
N THR A 34 2.48 43.59 -4.14
CA THR A 34 2.35 44.58 -5.21
C THR A 34 1.88 45.90 -4.61
N THR A 35 2.51 47.01 -4.97
CA THR A 35 2.01 48.31 -4.52
C THR A 35 1.55 49.15 -5.71
N ILE A 36 0.81 50.21 -5.36
CA ILE A 36 0.36 51.18 -6.35
C ILE A 36 1.52 51.62 -7.22
N ASP A 37 2.73 51.60 -6.67
CA ASP A 37 3.91 51.92 -7.47
C ASP A 37 4.01 51.00 -8.68
N ASP A 38 4.16 49.69 -8.44
CA ASP A 38 4.40 48.77 -9.55
C ASP A 38 3.30 48.86 -10.60
N ILE A 39 2.04 48.96 -10.18
CA ILE A 39 0.97 49.07 -11.17
C ILE A 39 1.20 50.28 -12.06
N ALA A 40 1.62 51.40 -11.47
CA ALA A 40 1.90 52.60 -12.25
C ALA A 40 3.05 52.38 -13.24
N ASP A 41 4.18 51.82 -12.77
CA ASP A 41 5.25 51.45 -13.71
C ASP A 41 4.71 50.56 -14.82
N ASP A 42 3.85 49.61 -14.48
CA ASP A 42 3.44 48.62 -15.45
C ASP A 42 2.53 49.21 -16.52
N VAL A 43 1.75 50.25 -16.17
CA VAL A 43 0.93 50.92 -17.17
C VAL A 43 1.67 52.05 -17.85
N GLY A 44 2.87 52.39 -17.39
CA GLY A 44 3.57 53.54 -17.92
C GLY A 44 2.94 54.85 -17.51
N ALA A 45 2.65 55.01 -16.22
CA ALA A 45 1.97 56.20 -15.73
C ALA A 45 2.39 56.50 -14.29
N THR A 46 1.97 57.67 -13.82
CA THR A 46 2.28 58.07 -12.46
C THR A 46 1.28 57.48 -11.47
N LYS A 47 1.71 57.40 -10.21
CA LYS A 47 0.83 57.01 -9.12
C LYS A 47 -0.47 57.82 -9.13
N GLY A 48 -0.37 59.13 -9.42
CA GLY A 48 -1.55 59.98 -9.42
C GLY A 48 -2.63 59.54 -10.39
N LEU A 49 -2.25 58.97 -11.53
CA LEU A 49 -3.25 58.49 -12.48
C LEU A 49 -4.10 57.38 -11.85
N ILE A 50 -3.45 56.42 -11.19
CA ILE A 50 -4.19 55.33 -10.57
C ILE A 50 -5.12 55.85 -9.47
N TYR A 51 -4.60 56.72 -8.60
CA TYR A 51 -5.41 57.28 -7.52
C TYR A 51 -6.58 58.10 -8.03
N TYR A 52 -6.55 58.53 -9.29
CA TYR A 52 -7.73 59.10 -9.92
C TYR A 52 -8.85 58.06 -9.99
N HIS A 53 -8.63 56.98 -10.74
CA HIS A 53 -9.69 56.03 -11.07
C HIS A 53 -10.01 55.03 -9.98
N PHE A 54 -9.20 54.94 -8.93
CA PHE A 54 -9.49 54.04 -7.81
C PHE A 54 -9.00 54.64 -6.51
N ARG A 55 -9.80 54.51 -5.46
CA ARG A 55 -9.44 55.10 -4.17
C ARG A 55 -8.28 54.37 -3.51
N SER A 56 -8.26 53.04 -3.58
CA SER A 56 -7.33 52.22 -2.82
C SER A 56 -6.93 50.98 -3.62
N LYS A 57 -5.78 50.41 -3.23
CA LYS A 57 -5.32 49.16 -3.80
C LYS A 57 -6.39 48.08 -3.73
N PHE A 58 -7.09 47.98 -2.60
CA PHE A 58 -8.11 46.96 -2.45
C PHE A 58 -9.26 47.18 -3.44
N ASP A 59 -9.62 48.45 -3.68
CA ASP A 59 -10.68 48.76 -4.63
C ASP A 59 -10.28 48.40 -6.06
N ILE A 60 -8.99 48.43 -6.37
CA ILE A 60 -8.54 47.86 -7.64
C ILE A 60 -8.77 46.35 -7.64
N PHE A 61 -8.30 45.67 -6.60
CA PHE A 61 -8.56 44.24 -6.47
C PHE A 61 -10.05 43.96 -6.59
N LEU A 62 -10.85 44.84 -6.01
CA LEU A 62 -12.29 44.74 -6.12
C LEU A 62 -12.73 44.87 -7.57
N ALA A 63 -12.11 45.81 -8.30
CA ALA A 63 -12.50 46.03 -9.70
C ALA A 63 -12.03 44.89 -10.60
N VAL A 64 -10.84 44.34 -10.34
CA VAL A 64 -10.37 43.18 -11.09
C VAL A 64 -11.29 41.99 -10.87
N TYR A 65 -11.68 41.76 -9.62
CA TYR A 65 -12.65 40.71 -9.32
C TYR A 65 -13.95 40.93 -10.10
N GLU A 66 -14.50 42.13 -10.02
CA GLU A 66 -15.78 42.42 -10.67
C GLU A 66 -15.70 42.26 -12.18
N ASP A 67 -14.61 42.73 -12.78
CA ASP A 67 -14.43 42.55 -14.22
C ASP A 67 -14.16 41.08 -14.57
N GLY A 68 -13.47 40.36 -13.69
CA GLY A 68 -13.30 38.93 -13.91
C GLY A 68 -14.62 38.20 -13.92
N MET A 69 -15.56 38.58 -13.05
CA MET A 69 -16.87 37.92 -13.03
C MET A 69 -17.71 38.28 -14.25
N ARG A 70 -17.60 39.52 -14.73
CA ARG A 70 -18.37 39.95 -15.88
C ARG A 70 -17.88 39.28 -17.15
N ARG A 71 -16.55 39.23 -17.34
CA ARG A 71 -16.00 38.58 -18.52
C ARG A 71 -16.45 37.13 -18.61
N VAL A 72 -16.28 36.37 -17.52
CA VAL A 72 -16.53 34.93 -17.63
C VAL A 72 -18.02 34.66 -17.75
N ARG A 73 -18.86 35.50 -17.11
CA ARG A 73 -20.29 35.24 -17.22
C ARG A 73 -20.79 35.59 -18.63
N GLU A 74 -20.28 36.67 -19.20
CA GLU A 74 -20.65 37.02 -20.57
C GLU A 74 -20.27 35.94 -21.56
N ARG A 75 -19.13 35.28 -21.34
CA ARG A 75 -18.66 34.26 -22.26
C ARG A 75 -19.38 32.94 -22.10
N VAL A 76 -19.90 32.66 -20.92
CA VAL A 76 -20.42 31.36 -20.57
C VAL A 76 -21.95 31.35 -20.58
N GLU A 77 -22.58 32.40 -20.05
CA GLU A 77 -24.04 32.43 -19.99
C GLU A 77 -24.74 32.15 -21.31
N PRO A 78 -24.29 32.65 -22.47
CA PRO A 78 -24.97 32.31 -23.73
C PRO A 78 -25.22 30.82 -23.95
N TYR A 79 -24.32 29.96 -23.49
CA TYR A 79 -24.45 28.53 -23.68
C TYR A 79 -25.47 27.88 -22.73
N VAL A 80 -25.98 28.62 -21.74
CA VAL A 80 -26.92 28.04 -20.79
C VAL A 80 -28.23 27.69 -21.48
N GLY A 81 -28.75 28.62 -22.27
CA GLY A 81 -30.00 28.43 -22.99
C GLY A 81 -29.84 27.95 -24.42
N ALA A 82 -28.62 27.62 -24.85
CA ALA A 82 -28.42 27.13 -26.20
C ALA A 82 -29.10 25.78 -26.34
N PRO A 83 -29.36 25.33 -27.58
CA PRO A 83 -29.90 23.98 -27.77
C PRO A 83 -28.90 22.94 -27.32
N GLY A 84 -29.45 21.82 -26.83
CA GLY A 84 -28.64 20.67 -26.52
C GLY A 84 -29.13 19.97 -25.28
N THR A 85 -28.71 18.72 -25.11
CA THR A 85 -28.87 18.05 -23.84
C THR A 85 -28.07 18.76 -22.74
N GLY A 86 -28.33 18.38 -21.49
CA GLY A 86 -27.61 19.00 -20.39
C GLY A 86 -26.10 18.81 -20.50
N ARG A 87 -25.68 17.63 -20.95
CA ARG A 87 -24.25 17.37 -21.15
C ARG A 87 -23.68 18.30 -22.20
N GLN A 88 -24.37 18.46 -23.33
CA GLN A 88 -23.83 19.26 -24.40
C GLN A 88 -23.63 20.70 -23.96
N ARG A 89 -24.58 21.24 -23.20
CA ARG A 89 -24.44 22.62 -22.74
C ARG A 89 -23.41 22.74 -21.62
N LEU A 90 -23.35 21.74 -20.73
CA LEU A 90 -22.30 21.73 -19.71
C LEU A 90 -20.92 21.76 -20.36
N VAL A 91 -20.73 20.97 -21.41
CA VAL A 91 -19.47 20.98 -22.14
C VAL A 91 -19.20 22.36 -22.72
N ALA A 92 -20.19 22.95 -23.37
CA ALA A 92 -19.98 24.25 -23.99
C ALA A 92 -19.73 25.34 -22.94
N MET A 93 -20.46 25.28 -21.82
CA MET A 93 -20.21 26.25 -20.75
C MET A 93 -18.80 26.09 -20.21
N SER A 94 -18.34 24.83 -20.07
CA SER A 94 -17.08 24.56 -19.41
C SER A 94 -15.89 24.99 -20.26
N VAL A 95 -15.94 24.69 -21.55
CA VAL A 95 -14.87 25.12 -22.45
C VAL A 95 -14.72 26.64 -22.39
N ALA A 96 -15.84 27.37 -22.46
CA ALA A 96 -15.79 28.82 -22.44
C ALA A 96 -15.19 29.34 -21.13
N HIS A 97 -15.58 28.73 -20.00
CA HIS A 97 -14.96 29.01 -18.70
C HIS A 97 -13.44 28.80 -18.75
N VAL A 98 -12.98 27.65 -19.24
CA VAL A 98 -11.55 27.38 -19.29
C VAL A 98 -10.86 28.31 -20.30
N GLU A 99 -11.47 28.52 -21.46
CA GLU A 99 -10.94 29.50 -22.41
C GLU A 99 -10.74 30.87 -21.75
N ASN A 100 -11.76 31.32 -21.00
CA ASN A 100 -11.64 32.58 -20.28
C ASN A 100 -10.53 32.53 -19.24
N LEU A 101 -10.38 31.37 -18.57
CA LEU A 101 -9.31 31.19 -17.61
C LEU A 101 -7.95 31.34 -18.27
N MET A 102 -7.77 30.69 -19.43
CA MET A 102 -6.49 30.72 -20.10
C MET A 102 -6.24 32.08 -20.72
N ILE A 103 -7.29 32.73 -21.23
CA ILE A 103 -7.10 34.01 -21.87
C ILE A 103 -6.91 35.10 -20.81
N ASP A 104 -7.79 35.14 -19.80
CA ASP A 104 -7.72 36.18 -18.75
C ASP A 104 -7.15 35.61 -17.45
N LEU A 105 -5.86 35.24 -17.52
CA LEU A 105 -5.27 34.47 -16.42
C LEU A 105 -5.16 35.29 -15.15
N GLY A 106 -4.69 36.54 -15.25
CA GLY A 106 -4.60 37.40 -14.08
C GLY A 106 -5.94 37.64 -13.41
N TYR A 107 -6.98 37.89 -14.21
CA TYR A 107 -8.32 38.10 -13.66
C TYR A 107 -8.79 36.86 -12.90
N HIS A 108 -8.58 35.67 -13.50
CA HIS A 108 -8.99 34.42 -12.88
C HIS A 108 -8.31 34.23 -11.54
N HIS A 109 -7.00 34.48 -11.49
CA HIS A 109 -6.30 34.36 -10.23
C HIS A 109 -6.96 35.20 -9.15
N VAL A 110 -7.22 36.48 -9.45
CA VAL A 110 -7.81 37.37 -8.45
C VAL A 110 -9.21 36.90 -8.06
N VAL A 111 -10.01 36.47 -9.03
CA VAL A 111 -11.35 35.98 -8.71
C VAL A 111 -11.31 34.79 -7.74
N HIS A 112 -10.21 34.03 -7.73
CA HIS A 112 -10.06 32.94 -6.78
C HIS A 112 -8.91 33.13 -5.79
N GLN A 113 -8.11 34.20 -5.93
CA GLN A 113 -7.27 34.60 -4.80
C GLN A 113 -8.12 34.96 -3.59
N GLY A 114 -9.39 35.33 -3.80
CA GLY A 114 -10.29 35.79 -2.76
C GLY A 114 -10.20 35.06 -1.44
N VAL A 115 -9.91 33.75 -1.51
CA VAL A 115 -9.65 32.95 -0.32
C VAL A 115 -8.49 33.53 0.49
N ARG A 116 -7.51 34.13 -0.18
CA ARG A 116 -6.35 34.73 0.48
C ARG A 116 -6.64 36.14 1.02
N ASP A 117 -7.62 36.84 0.46
CA ASP A 117 -8.06 38.12 1.01
C ASP A 117 -9.29 37.97 1.89
N GLN A 118 -9.69 36.74 2.19
CA GLN A 118 -10.67 36.46 3.23
C GLN A 118 -10.01 36.13 4.58
N ALA A 119 -8.97 35.29 4.57
CA ALA A 119 -8.26 34.96 5.80
C ALA A 119 -7.51 36.15 6.37
N SER A 120 -7.21 37.15 5.54
CA SER A 120 -6.50 38.33 5.99
C SER A 120 -7.45 39.22 6.79
N THR A 121 -7.05 40.45 7.07
CA THR A 121 -7.86 41.32 7.91
C THR A 121 -9.13 41.69 7.15
N ALA A 122 -10.24 41.03 7.50
CA ALA A 122 -11.56 41.48 7.07
C ALA A 122 -11.91 42.70 7.89
N LEU A 123 -11.76 43.89 7.31
CA LEU A 123 -11.73 45.11 8.09
C LEU A 123 -12.90 46.05 7.84
N LYS A 124 -13.08 46.53 6.62
CA LYS A 124 -13.92 47.71 6.39
C LYS A 124 -15.29 47.30 5.90
N VAL A 125 -16.32 47.94 6.45
CA VAL A 125 -17.69 47.67 6.02
C VAL A 125 -17.87 48.11 4.56
N ARG A 126 -17.38 49.31 4.21
CA ARG A 126 -17.52 49.81 2.84
C ARG A 126 -16.87 48.87 1.82
N GLN A 127 -15.82 48.14 2.23
CA GLN A 127 -15.10 47.21 1.38
C GLN A 127 -15.56 45.77 1.56
N ARG A 128 -15.57 45.27 2.80
CA ARG A 128 -16.01 43.89 3.04
C ARG A 128 -17.44 43.67 2.55
N ASP A 129 -18.29 44.72 2.59
CA ASP A 129 -19.60 44.62 1.95
C ASP A 129 -19.45 44.28 0.47
N ALA A 130 -18.57 45.00 -0.22
CA ALA A 130 -18.38 44.80 -1.65
C ALA A 130 -17.71 43.47 -1.97
N LEU A 131 -16.79 43.01 -1.10
CA LEU A 131 -16.15 41.70 -1.29
C LEU A 131 -17.15 40.56 -1.15
N ALA A 132 -18.04 40.64 -0.15
CA ALA A 132 -19.06 39.61 -0.02
C ALA A 132 -20.07 39.69 -1.15
N ALA A 133 -20.32 40.89 -1.66
CA ALA A 133 -21.22 41.03 -2.80
C ALA A 133 -20.66 40.31 -4.02
N LEU A 134 -19.35 40.41 -4.23
CA LEU A 134 -18.74 39.73 -5.38
C LEU A 134 -18.82 38.22 -5.23
N ASN A 135 -18.71 37.72 -4.01
CA ASN A 135 -18.80 36.28 -3.80
C ASN A 135 -20.18 35.73 -4.13
N GLU A 136 -21.22 36.56 -3.99
CA GLU A 136 -22.55 36.11 -4.42
C GLU A 136 -22.64 36.08 -5.95
N LEU A 137 -22.03 37.06 -6.63
CA LEU A 137 -21.88 36.95 -8.09
C LEU A 137 -21.22 35.63 -8.45
N ARG A 138 -20.09 35.33 -7.80
CA ARG A 138 -19.42 34.06 -8.04
C ARG A 138 -20.34 32.90 -7.70
N ARG A 139 -20.92 32.92 -6.51
CA ARG A 139 -21.86 31.87 -6.12
C ARG A 139 -22.98 31.71 -7.12
N ASP A 140 -23.46 32.84 -7.67
CA ASP A 140 -24.54 32.80 -8.65
C ASP A 140 -24.05 32.26 -9.97
N TYR A 141 -22.83 32.60 -10.37
CA TYR A 141 -22.22 31.95 -11.51
C TYR A 141 -22.16 30.44 -11.30
N GLU A 142 -21.66 30.00 -10.15
CA GLU A 142 -21.56 28.56 -9.90
C GLU A 142 -22.93 27.88 -9.85
N ARG A 143 -24.01 28.65 -9.72
CA ARG A 143 -25.34 28.09 -9.73
C ARG A 143 -25.83 27.79 -11.14
N MET A 144 -25.31 28.52 -12.13
CA MET A 144 -25.59 28.21 -13.53
C MET A 144 -25.14 26.81 -13.86
N PHE A 145 -23.92 26.44 -13.45
CA PHE A 145 -23.43 25.09 -13.68
C PHE A 145 -24.25 24.07 -12.89
N HIS A 146 -24.61 24.40 -11.66
CA HIS A 146 -25.40 23.46 -10.87
C HIS A 146 -26.72 23.15 -11.56
N HIS A 147 -27.38 24.18 -12.10
CA HIS A 147 -28.68 23.96 -12.75
C HIS A 147 -28.54 23.10 -13.98
N VAL A 148 -27.52 23.36 -14.81
CA VAL A 148 -27.30 22.53 -16.00
C VAL A 148 -26.92 21.12 -15.62
N ILE A 149 -26.19 20.94 -14.52
CA ILE A 149 -25.85 19.59 -14.10
C ILE A 149 -27.10 18.83 -13.69
N THR A 150 -28.04 19.53 -13.03
CA THR A 150 -29.27 18.88 -12.61
C THR A 150 -30.09 18.46 -13.82
N GLU A 151 -30.20 19.33 -14.82
CA GLU A 151 -30.86 18.94 -16.07
C GLU A 151 -30.16 17.76 -16.73
N GLY A 152 -28.83 17.83 -16.84
CA GLY A 152 -28.12 16.77 -17.52
C GLY A 152 -28.36 15.42 -16.87
N ILE A 153 -28.44 15.41 -15.54
CA ILE A 153 -28.76 14.17 -14.83
C ILE A 153 -30.17 13.72 -15.17
N ALA A 154 -31.13 14.66 -15.16
CA ALA A 154 -32.53 14.29 -15.33
C ALA A 154 -32.80 13.80 -16.74
N ASP A 155 -32.12 14.38 -17.74
CA ASP A 155 -32.28 13.96 -19.13
C ASP A 155 -31.35 12.83 -19.54
N GLY A 156 -30.66 12.20 -18.59
CA GLY A 156 -29.83 11.06 -18.93
C GLY A 156 -28.52 11.36 -19.62
N SER A 157 -28.19 12.63 -19.91
CA SER A 157 -26.93 12.89 -20.59
C SER A 157 -25.76 12.80 -19.63
N LEU A 158 -26.03 12.87 -18.32
CA LEU A 158 -25.02 12.74 -17.28
C LEU A 158 -25.40 11.58 -16.37
N ARG A 159 -24.37 10.90 -15.85
CA ARG A 159 -24.57 9.79 -14.94
C ARG A 159 -25.35 10.26 -13.72
N ASN A 160 -26.02 9.31 -13.06
CA ASN A 160 -26.81 9.62 -11.86
C ASN A 160 -25.87 9.72 -10.66
N VAL A 161 -25.24 10.88 -10.56
CA VAL A 161 -24.35 11.19 -9.45
C VAL A 161 -24.99 12.27 -8.60
N ASP A 162 -24.35 12.63 -7.49
CA ASP A 162 -24.82 13.69 -6.61
C ASP A 162 -24.60 15.03 -7.31
N ASP A 163 -25.69 15.73 -7.61
CA ASP A 163 -25.57 16.96 -8.40
C ASP A 163 -24.83 18.06 -7.65
N ALA A 164 -24.89 18.08 -6.32
CA ALA A 164 -24.12 19.10 -5.59
C ALA A 164 -22.64 18.76 -5.57
N LEU A 165 -22.29 17.49 -5.33
CA LEU A 165 -20.88 17.12 -5.32
C LEU A 165 -20.29 17.31 -6.71
N ALA A 166 -21.02 16.91 -7.75
CA ALA A 166 -20.51 17.08 -9.10
C ALA A 166 -20.29 18.56 -9.45
N THR A 167 -21.17 19.44 -8.98
CA THR A 167 -20.96 20.87 -9.25
C THR A 167 -19.66 21.36 -8.63
N ARG A 168 -19.45 21.05 -7.34
CA ARG A 168 -18.23 21.46 -6.65
C ARG A 168 -17.01 20.83 -7.29
N THR A 169 -17.09 19.54 -7.61
CA THR A 169 -15.98 18.86 -8.26
C THR A 169 -15.68 19.47 -9.61
N LEU A 170 -16.71 19.72 -10.42
CA LEU A 170 -16.45 20.19 -11.77
C LEU A 170 -15.85 21.59 -11.75
N LEU A 171 -16.46 22.50 -10.98
CA LEU A 171 -16.00 23.88 -10.98
C LEU A 171 -14.58 23.98 -10.45
N SER A 172 -14.27 23.21 -9.41
CA SER A 172 -12.91 23.24 -8.88
C SER A 172 -11.93 22.61 -9.87
N ASN A 173 -12.36 21.61 -10.64
CA ASN A 173 -11.49 21.06 -11.67
C ASN A 173 -11.27 22.08 -12.78
N LEU A 174 -12.33 22.72 -13.27
CA LEU A 174 -12.16 23.75 -14.27
C LEU A 174 -11.23 24.85 -13.78
N ASN A 175 -11.40 25.28 -12.53
CA ASN A 175 -10.55 26.33 -12.01
C ASN A 175 -9.15 25.83 -11.69
N ALA A 176 -8.93 24.52 -11.63
CA ALA A 176 -7.59 24.02 -11.31
C ALA A 176 -6.68 23.96 -12.52
N VAL A 177 -7.20 24.25 -13.72
CA VAL A 177 -6.34 24.29 -14.91
C VAL A 177 -5.18 25.24 -14.67
N ASP A 178 -5.34 26.22 -13.79
CA ASP A 178 -4.33 27.22 -13.52
C ASP A 178 -3.16 26.66 -12.68
N VAL A 179 -3.27 25.44 -12.17
CA VAL A 179 -2.14 24.79 -11.52
C VAL A 179 -0.98 24.61 -12.50
N TRP A 180 -1.26 24.07 -13.70
CA TRP A 180 -0.23 23.72 -14.69
C TRP A 180 -0.18 24.63 -15.90
N TYR A 181 -1.26 25.35 -16.21
CA TYR A 181 -1.31 26.16 -17.42
C TYR A 181 -0.57 27.48 -17.25
N ARG A 182 0.30 27.80 -18.18
CA ARG A 182 0.94 29.11 -18.29
C ARG A 182 0.63 29.70 -19.65
N LYS A 183 0.42 31.01 -19.71
CA LYS A 183 0.35 31.69 -20.99
C LYS A 183 1.67 31.48 -21.72
N ILE A 184 1.61 30.84 -22.87
CA ILE A 184 2.79 30.68 -23.73
C ILE A 184 2.62 31.67 -24.86
N GLU A 185 3.50 32.66 -24.93
CA GLU A 185 3.28 33.69 -25.94
C GLU A 185 3.42 33.08 -27.33
N GLY A 186 2.65 33.63 -28.26
CA GLY A 186 2.47 33.04 -29.56
C GLY A 186 1.36 32.03 -29.63
N GLN A 187 0.79 31.65 -28.49
CA GLN A 187 -0.34 30.73 -28.49
C GLN A 187 -1.58 31.47 -28.98
N THR A 188 -2.27 30.91 -29.96
CA THR A 188 -3.39 31.57 -30.61
C THR A 188 -4.70 31.29 -29.86
N GLU A 189 -5.74 32.03 -30.25
CA GLU A 189 -7.07 31.78 -29.72
C GLU A 189 -7.55 30.38 -30.07
N LYS A 190 -7.21 29.92 -31.27
CA LYS A 190 -7.60 28.57 -31.67
C LYS A 190 -6.91 27.51 -30.80
N GLU A 191 -5.63 27.71 -30.49
CA GLU A 191 -4.90 26.70 -29.72
C GLU A 191 -5.44 26.61 -28.30
N VAL A 192 -5.78 27.77 -27.73
CA VAL A 192 -6.41 27.85 -26.42
C VAL A 192 -7.75 27.15 -26.44
N HIS A 193 -8.54 27.40 -27.48
CA HIS A 193 -9.81 26.71 -27.59
C HIS A 193 -9.62 25.20 -27.71
N ASP A 194 -8.69 24.76 -28.57
CA ASP A 194 -8.42 23.32 -28.68
C ASP A 194 -7.98 22.72 -27.35
N LEU A 195 -7.09 23.41 -26.62
CA LEU A 195 -6.59 22.87 -25.37
C LEU A 195 -7.71 22.78 -24.34
N ALA A 196 -8.53 23.84 -24.27
CA ALA A 196 -9.67 23.86 -23.37
C ALA A 196 -10.68 22.77 -23.72
N SER A 197 -10.92 22.52 -25.02
CA SER A 197 -11.76 21.39 -25.40
C SER A 197 -11.16 20.07 -24.92
N GLN A 198 -9.84 19.92 -25.02
CA GLN A 198 -9.20 18.70 -24.56
C GLN A 198 -9.40 18.50 -23.07
N VAL A 199 -9.17 19.56 -22.28
CA VAL A 199 -9.34 19.45 -20.83
C VAL A 199 -10.77 19.03 -20.49
N VAL A 200 -11.77 19.71 -21.10
CA VAL A 200 -13.17 19.49 -20.74
C VAL A 200 -13.61 18.06 -21.12
N ASP A 201 -13.07 17.53 -22.23
CA ASP A 201 -13.33 16.14 -22.58
C ASP A 201 -12.98 15.21 -21.43
N LEU A 202 -11.88 15.47 -20.73
CA LEU A 202 -11.45 14.66 -19.59
C LEU A 202 -12.28 14.92 -18.35
N LEU A 203 -12.63 16.17 -18.06
CA LEU A 203 -13.44 16.43 -16.88
C LEU A 203 -14.82 15.83 -17.01
N ILE A 204 -15.43 15.94 -18.20
CA ILE A 204 -16.77 15.41 -18.38
C ILE A 204 -16.75 13.91 -18.63
N GLY A 205 -15.86 13.43 -19.51
CA GLY A 205 -15.87 12.03 -19.89
C GLY A 205 -15.01 11.10 -19.06
N GLY A 206 -14.23 11.64 -18.14
CA GLY A 206 -13.41 10.80 -17.30
C GLY A 206 -12.21 10.26 -18.05
N ILE A 207 -11.47 9.38 -17.37
CA ILE A 207 -10.30 8.69 -17.97
C ILE A 207 -10.64 7.21 -18.09
N GLY A 208 -11.60 6.75 -17.30
CA GLY A 208 -12.06 5.36 -17.29
C GLY A 208 -12.67 4.97 -18.61
N ALA A 209 -12.44 3.73 -19.02
CA ALA A 209 -12.93 3.22 -20.31
C ALA A 209 -14.27 2.53 -20.14
N THR A 210 -14.74 1.89 -21.22
CA THR A 210 -15.99 1.10 -21.23
C THR A 210 -17.17 1.98 -20.84
N SER B 12 21.37 5.15 11.10
CA SER B 12 20.33 4.13 11.15
C SER B 12 20.16 3.44 9.79
N ASP B 13 21.23 3.52 8.98
CA ASP B 13 21.39 2.70 7.78
C ASP B 13 22.39 1.57 7.96
N VAL B 14 23.46 1.79 8.74
CA VAL B 14 24.35 0.71 9.12
C VAL B 14 23.69 -0.20 10.15
N LYS B 15 22.62 0.26 10.79
CA LYS B 15 21.77 -0.63 11.56
C LYS B 15 21.16 -1.69 10.66
N GLY B 16 20.53 -1.26 9.55
CA GLY B 16 19.96 -2.20 8.62
C GLY B 16 20.97 -3.20 8.11
N ARG B 17 22.19 -2.74 7.82
CA ARG B 17 23.18 -3.65 7.29
C ARG B 17 23.44 -4.79 8.26
N ILE B 18 23.60 -4.49 9.55
CA ILE B 18 23.76 -5.55 10.55
C ILE B 18 22.55 -6.47 10.57
N LEU B 19 21.35 -5.89 10.50
CA LEU B 19 20.14 -6.71 10.57
C LEU B 19 20.06 -7.69 9.41
N ASP B 20 20.27 -7.20 8.19
CA ASP B 20 20.27 -8.06 7.00
C ASP B 20 21.31 -9.17 7.13
N ALA B 21 22.56 -8.81 7.42
CA ALA B 21 23.60 -9.82 7.51
C ALA B 21 23.35 -10.78 8.66
N ALA B 22 22.66 -10.31 9.71
CA ALA B 22 22.31 -11.18 10.82
C ALA B 22 21.16 -12.09 10.44
N ALA B 23 20.18 -11.53 9.75
CA ALA B 23 19.04 -12.30 9.24
C ALA B 23 19.54 -13.48 8.42
N ASP B 24 20.46 -13.21 7.49
CA ASP B 24 21.01 -14.28 6.66
C ASP B 24 21.78 -15.30 7.50
N ALA B 25 22.58 -14.84 8.47
CA ALA B 25 23.38 -15.77 9.29
C ALA B 25 22.47 -16.68 10.11
N PHE B 26 21.41 -16.14 10.69
CA PHE B 26 20.43 -16.97 11.38
C PHE B 26 19.71 -17.92 10.44
N MET B 27 19.65 -17.59 9.13
CA MET B 27 19.11 -18.53 8.14
C MET B 27 20.05 -19.72 7.93
N LEU B 28 21.35 -19.47 7.72
CA LEU B 28 22.26 -20.53 7.32
C LEU B 28 22.76 -21.33 8.51
N ARG B 29 23.53 -20.67 9.39
CA ARG B 29 24.10 -21.37 10.54
C ARG B 29 23.03 -21.71 11.57
N GLY B 30 21.94 -20.97 11.62
CA GLY B 30 20.98 -21.06 12.69
C GLY B 30 21.32 -20.10 13.82
N PHE B 31 20.35 -19.89 14.72
CA PHE B 31 20.51 -18.93 15.79
C PHE B 31 21.74 -19.23 16.64
N ALA B 32 21.74 -20.41 17.28
CA ALA B 32 22.76 -20.69 18.29
C ALA B 32 24.12 -21.00 17.67
N ASN B 33 24.16 -21.44 16.42
CA ASN B 33 25.44 -21.78 15.81
C ASN B 33 26.21 -20.56 15.34
N THR B 34 25.52 -19.47 14.99
CA THR B 34 26.21 -18.24 14.65
C THR B 34 26.35 -17.39 15.91
N THR B 35 27.56 -16.86 16.11
CA THR B 35 27.88 -16.03 17.26
C THR B 35 27.82 -14.57 16.85
N ILE B 36 28.10 -13.69 17.82
CA ILE B 36 28.29 -12.27 17.55
C ILE B 36 29.56 -12.08 16.74
N ASP B 37 30.56 -12.91 17.01
CA ASP B 37 31.78 -12.94 16.21
C ASP B 37 31.47 -13.21 14.74
N ASP B 38 30.63 -14.23 14.48
CA ASP B 38 30.30 -14.59 13.11
C ASP B 38 29.65 -13.42 12.37
N ILE B 39 28.66 -12.79 13.00
CA ILE B 39 28.00 -11.63 12.40
C ILE B 39 28.97 -10.49 12.25
N ALA B 40 29.90 -10.34 13.21
CA ALA B 40 30.89 -9.28 13.16
C ALA B 40 31.68 -9.33 11.85
N ASP B 41 32.16 -10.51 11.48
CA ASP B 41 32.84 -10.67 10.20
C ASP B 41 31.90 -10.32 9.05
N ASP B 42 30.68 -10.87 9.08
CA ASP B 42 29.78 -10.75 7.93
C ASP B 42 29.48 -9.28 7.61
N VAL B 43 29.27 -8.46 8.64
CA VAL B 43 28.95 -7.06 8.36
C VAL B 43 30.23 -6.24 8.16
N GLY B 44 31.34 -6.65 8.78
CA GLY B 44 32.59 -5.96 8.56
C GLY B 44 33.04 -4.97 9.62
N ALA B 45 33.09 -5.40 10.87
CA ALA B 45 33.77 -4.68 11.95
C ALA B 45 34.01 -5.70 13.06
N THR B 46 34.45 -5.22 14.22
CA THR B 46 34.56 -6.09 15.38
C THR B 46 33.32 -5.93 16.28
N LYS B 47 33.24 -6.82 17.26
CA LYS B 47 32.14 -6.98 18.20
C LYS B 47 31.72 -5.63 18.72
N GLY B 48 32.69 -4.73 18.83
CA GLY B 48 32.42 -3.41 19.36
C GLY B 48 31.34 -2.70 18.59
N LEU B 49 31.41 -2.73 17.25
CA LEU B 49 30.43 -1.98 16.49
C LEU B 49 29.03 -2.56 16.67
N ILE B 50 28.89 -3.88 16.57
CA ILE B 50 27.56 -4.47 16.77
C ILE B 50 27.08 -4.20 18.19
N TYR B 51 27.90 -4.62 19.18
CA TYR B 51 27.48 -4.56 20.57
C TYR B 51 27.09 -3.14 20.97
N TYR B 52 27.63 -2.13 20.27
CA TYR B 52 27.18 -0.75 20.42
C TYR B 52 25.71 -0.60 20.01
N HIS B 53 25.33 -1.18 18.87
CA HIS B 53 23.99 -0.94 18.32
C HIS B 53 22.91 -1.83 18.93
N PHE B 54 23.25 -3.00 19.46
CA PHE B 54 22.27 -3.91 20.06
C PHE B 54 22.83 -4.44 21.37
N ARG B 55 21.92 -4.76 22.30
CA ARG B 55 22.38 -5.23 23.61
C ARG B 55 23.17 -6.52 23.47
N SER B 56 22.51 -7.58 23.00
CA SER B 56 23.14 -8.90 22.92
C SER B 56 22.87 -9.52 21.54
N LYS B 57 23.29 -10.79 21.37
CA LYS B 57 22.92 -11.51 20.16
C LYS B 57 21.41 -11.66 20.07
N PHE B 58 20.77 -12.02 21.19
CA PHE B 58 19.32 -12.11 21.21
C PHE B 58 18.66 -10.78 20.86
N ASP B 59 19.31 -9.67 21.20
CA ASP B 59 18.80 -8.35 20.89
C ASP B 59 18.69 -8.15 19.39
N ILE B 60 19.63 -8.72 18.63
CA ILE B 60 19.57 -8.64 17.16
C ILE B 60 18.44 -9.52 16.63
N PHE B 61 18.29 -10.72 17.18
CA PHE B 61 17.16 -11.56 16.81
C PHE B 61 15.85 -10.79 16.93
N LEU B 62 15.55 -10.31 18.14
CA LEU B 62 14.37 -9.49 18.37
C LEU B 62 14.31 -8.32 17.39
N ALA B 63 15.45 -7.68 17.13
CA ALA B 63 15.44 -6.54 16.22
C ALA B 63 15.13 -6.99 14.80
N VAL B 64 15.73 -8.10 14.35
CA VAL B 64 15.41 -8.60 13.01
C VAL B 64 13.95 -9.02 12.95
N TYR B 65 13.48 -9.72 13.97
CA TYR B 65 12.06 -10.09 14.03
C TYR B 65 11.18 -8.85 13.93
N GLU B 66 11.42 -7.87 14.82
CA GLU B 66 10.56 -6.69 14.83
C GLU B 66 10.65 -5.94 13.51
N ASP B 67 11.86 -5.79 12.97
CA ASP B 67 12.02 -5.14 11.69
C ASP B 67 11.34 -5.93 10.56
N GLY B 68 11.53 -7.26 10.54
CA GLY B 68 10.91 -8.06 9.52
C GLY B 68 9.41 -7.93 9.53
N MET B 69 8.81 -7.92 10.73
CA MET B 69 7.38 -7.74 10.84
C MET B 69 6.97 -6.30 10.55
N ARG B 70 7.93 -5.39 10.56
CA ARG B 70 7.64 -3.98 10.22
C ARG B 70 7.64 -3.89 8.69
N ARG B 71 8.59 -4.55 8.03
CA ARG B 71 8.61 -4.58 6.57
C ARG B 71 7.33 -5.17 6.01
N VAL B 72 6.98 -6.40 6.44
CA VAL B 72 5.88 -7.06 5.74
C VAL B 72 4.58 -6.29 5.96
N ARG B 73 4.33 -5.82 7.18
CA ARG B 73 3.08 -5.10 7.42
C ARG B 73 3.00 -3.84 6.57
N GLU B 74 4.13 -3.16 6.36
CA GLU B 74 4.05 -1.93 5.58
C GLU B 74 3.70 -2.20 4.13
N ARG B 75 4.04 -3.37 3.63
CA ARG B 75 3.74 -3.71 2.24
C ARG B 75 2.31 -4.24 2.06
N VAL B 76 1.73 -4.85 3.10
CA VAL B 76 0.44 -5.51 3.00
C VAL B 76 -0.70 -4.64 3.50
N GLU B 77 -0.52 -3.94 4.61
CA GLU B 77 -1.65 -3.19 5.17
C GLU B 77 -2.30 -2.17 4.24
N PRO B 78 -1.61 -1.50 3.31
CA PRO B 78 -2.31 -0.53 2.43
C PRO B 78 -3.44 -1.13 1.61
N TYR B 79 -3.39 -2.42 1.26
CA TYR B 79 -4.49 -3.04 0.56
C TYR B 79 -5.72 -3.26 1.43
N VAL B 80 -5.58 -3.28 2.74
CA VAL B 80 -6.71 -3.65 3.60
C VAL B 80 -7.88 -2.72 3.37
N GLY B 81 -7.61 -1.40 3.41
CA GLY B 81 -8.64 -0.41 3.25
C GLY B 81 -8.86 0.05 1.83
N ALA B 82 -8.03 -0.41 0.89
CA ALA B 82 -8.10 0.01 -0.50
C ALA B 82 -9.49 -0.26 -1.05
N PRO B 83 -9.83 0.23 -2.25
CA PRO B 83 -11.07 -0.23 -2.89
C PRO B 83 -10.95 -1.67 -3.37
N GLY B 84 -12.11 -2.25 -3.67
CA GLY B 84 -12.16 -3.57 -4.26
C GLY B 84 -12.85 -4.58 -3.38
N THR B 85 -13.29 -5.69 -3.98
CA THR B 85 -13.87 -6.78 -3.21
C THR B 85 -12.85 -7.33 -2.24
N GLY B 86 -13.32 -8.11 -1.26
CA GLY B 86 -12.39 -8.85 -0.41
C GLY B 86 -11.38 -9.65 -1.21
N ARG B 87 -11.86 -10.41 -2.21
CA ARG B 87 -10.93 -11.23 -2.98
C ARG B 87 -9.82 -10.40 -3.60
N GLN B 88 -10.15 -9.22 -4.09
CA GLN B 88 -9.17 -8.43 -4.82
C GLN B 88 -8.12 -7.84 -3.90
N ARG B 89 -8.52 -7.44 -2.69
CA ARG B 89 -7.57 -6.96 -1.68
C ARG B 89 -6.76 -8.12 -1.10
N LEU B 90 -7.44 -9.24 -0.82
CA LEU B 90 -6.75 -10.45 -0.35
C LEU B 90 -5.69 -10.90 -1.34
N VAL B 91 -6.03 -10.91 -2.63
CA VAL B 91 -5.03 -11.26 -3.63
C VAL B 91 -3.85 -10.33 -3.55
N ALA B 92 -4.10 -9.03 -3.41
CA ALA B 92 -3.02 -8.07 -3.37
C ALA B 92 -2.26 -8.15 -2.06
N MET B 93 -2.94 -8.49 -0.97
CA MET B 93 -2.19 -8.74 0.26
C MET B 93 -1.27 -9.95 0.11
N SER B 94 -1.79 -11.06 -0.40
CA SER B 94 -1.03 -12.30 -0.50
C SER B 94 0.18 -12.16 -1.43
N VAL B 95 0.00 -11.46 -2.55
CA VAL B 95 1.13 -11.20 -3.45
C VAL B 95 2.20 -10.42 -2.73
N ALA B 96 1.82 -9.36 -2.01
CA ALA B 96 2.81 -8.58 -1.27
C ALA B 96 3.52 -9.45 -0.24
N HIS B 97 2.79 -10.30 0.47
CA HIS B 97 3.39 -11.19 1.46
C HIS B 97 4.42 -12.13 0.81
N VAL B 98 4.04 -12.83 -0.25
CA VAL B 98 4.96 -13.77 -0.89
C VAL B 98 6.12 -13.00 -1.51
N GLU B 99 5.83 -11.83 -2.07
CA GLU B 99 6.93 -11.06 -2.66
C GLU B 99 7.90 -10.59 -1.58
N ASN B 100 7.38 -10.18 -0.43
CA ASN B 100 8.21 -9.81 0.72
C ASN B 100 9.07 -10.99 1.17
N LEU B 101 8.44 -12.17 1.23
CA LEU B 101 9.13 -13.39 1.62
C LEU B 101 10.32 -13.66 0.71
N MET B 102 10.12 -13.63 -0.61
CA MET B 102 11.18 -14.02 -1.54
C MET B 102 12.29 -12.97 -1.60
N ILE B 103 11.94 -11.69 -1.46
CA ILE B 103 13.00 -10.69 -1.47
C ILE B 103 13.77 -10.72 -0.17
N ASP B 104 13.10 -10.96 0.96
CA ASP B 104 13.66 -10.84 2.29
C ASP B 104 13.65 -12.21 2.96
N LEU B 105 14.18 -13.21 2.26
CA LEU B 105 14.21 -14.58 2.77
C LEU B 105 14.81 -14.64 4.16
N GLY B 106 15.94 -13.96 4.37
CA GLY B 106 16.58 -14.00 5.68
C GLY B 106 15.67 -13.52 6.79
N TYR B 107 14.99 -12.39 6.56
CA TYR B 107 14.08 -11.86 7.58
C TYR B 107 12.95 -12.83 7.82
N HIS B 108 12.38 -13.37 6.74
CA HIS B 108 11.25 -14.28 6.86
C HIS B 108 11.58 -15.49 7.72
N HIS B 109 12.80 -16.01 7.57
CA HIS B 109 13.23 -17.16 8.36
C HIS B 109 13.33 -16.81 9.84
N VAL B 110 13.80 -15.61 10.18
CA VAL B 110 13.85 -15.26 11.60
C VAL B 110 12.44 -15.10 12.17
N VAL B 111 11.55 -14.46 11.42
CA VAL B 111 10.19 -14.31 11.93
C VAL B 111 9.56 -15.67 12.24
N HIS B 112 9.99 -16.73 11.54
CA HIS B 112 9.52 -18.09 11.79
C HIS B 112 10.56 -19.01 12.44
N GLN B 113 11.77 -18.51 12.74
CA GLN B 113 12.74 -19.26 13.55
C GLN B 113 12.62 -18.96 15.04
N GLY B 114 11.81 -17.95 15.41
CA GLY B 114 11.48 -17.77 16.81
C GLY B 114 10.71 -18.95 17.37
N VAL B 115 9.98 -19.67 16.51
CA VAL B 115 9.25 -20.87 16.94
C VAL B 115 10.23 -21.97 17.35
N ARG B 116 11.36 -22.06 16.66
CA ARG B 116 12.43 -22.99 17.05
C ARG B 116 13.27 -22.46 18.21
N ASP B 117 12.88 -21.33 18.81
CA ASP B 117 13.63 -20.79 19.93
C ASP B 117 12.73 -20.39 21.10
N GLN B 118 11.45 -20.06 20.83
CA GLN B 118 10.55 -19.75 21.93
C GLN B 118 10.24 -21.01 22.74
N ALA B 119 10.00 -22.13 22.05
CA ALA B 119 9.93 -23.41 22.74
C ALA B 119 11.29 -23.78 23.34
N SER B 120 12.37 -23.57 22.58
CA SER B 120 13.70 -24.05 22.95
C SER B 120 14.18 -23.31 24.20
N THR B 121 14.05 -23.98 25.34
CA THR B 121 14.62 -23.57 26.63
C THR B 121 14.55 -22.06 26.87
N ALA B 122 13.36 -21.49 26.62
CA ALA B 122 13.15 -20.07 26.87
C ALA B 122 13.46 -19.73 28.32
N LEU B 123 14.36 -18.77 28.53
CA LEU B 123 14.86 -18.47 29.88
C LEU B 123 14.53 -17.07 30.35
N LYS B 124 14.95 -16.01 29.65
CA LYS B 124 14.93 -14.67 30.24
C LYS B 124 13.54 -14.06 30.15
N VAL B 125 13.05 -13.55 31.29
CA VAL B 125 11.70 -12.98 31.35
C VAL B 125 11.62 -11.67 30.57
N ARG B 126 12.57 -10.76 30.79
CA ARG B 126 12.61 -9.50 30.05
C ARG B 126 12.84 -9.72 28.56
N GLN B 127 13.27 -10.92 28.17
CA GLN B 127 13.31 -11.36 26.78
C GLN B 127 12.09 -12.19 26.40
N ARG B 128 11.52 -12.97 27.32
CA ARG B 128 10.24 -13.62 27.06
C ARG B 128 9.12 -12.58 26.97
N ASP B 129 9.23 -11.47 27.71
CA ASP B 129 8.32 -10.35 27.53
C ASP B 129 8.37 -9.82 26.10
N ALA B 130 9.58 -9.54 25.61
CA ALA B 130 9.71 -8.99 24.27
C ALA B 130 9.37 -10.02 23.20
N LEU B 131 9.70 -11.30 23.44
CA LEU B 131 9.41 -12.34 22.46
C LEU B 131 7.90 -12.50 22.24
N ALA B 132 7.12 -12.50 23.32
CA ALA B 132 5.67 -12.63 23.19
C ALA B 132 5.01 -11.30 22.78
N ALA B 133 5.65 -10.17 23.07
CA ALA B 133 5.15 -8.92 22.50
C ALA B 133 5.32 -8.90 20.98
N LEU B 134 6.44 -9.45 20.48
CA LEU B 134 6.61 -9.63 19.03
C LEU B 134 5.65 -10.69 18.51
N ASN B 135 5.49 -11.78 19.28
CA ASN B 135 4.54 -12.82 18.90
C ASN B 135 3.14 -12.26 18.76
N GLU B 136 2.83 -11.17 19.48
CA GLU B 136 1.54 -10.50 19.32
C GLU B 136 1.52 -9.59 18.10
N LEU B 137 2.68 -9.10 17.66
CA LEU B 137 2.77 -8.37 16.39
C LEU B 137 2.38 -9.27 15.21
N ARG B 138 2.83 -10.52 15.24
CA ARG B 138 2.39 -11.49 14.24
C ARG B 138 0.88 -11.69 14.31
N ARG B 139 0.33 -11.81 15.51
CA ARG B 139 -1.10 -12.03 15.64
C ARG B 139 -1.88 -10.88 15.00
N ASP B 140 -1.41 -9.64 15.18
CA ASP B 140 -2.07 -8.48 14.59
C ASP B 140 -2.02 -8.49 13.07
N TYR B 141 -0.88 -8.89 12.51
CA TYR B 141 -0.75 -9.01 11.07
C TYR B 141 -1.72 -10.04 10.51
N GLU B 142 -1.84 -11.20 11.15
CA GLU B 142 -2.79 -12.20 10.67
C GLU B 142 -4.23 -11.69 10.80
N ARG B 143 -4.54 -10.92 11.84
CA ARG B 143 -5.88 -10.34 11.99
C ARG B 143 -6.30 -9.57 10.74
N MET B 144 -5.37 -8.85 10.12
CA MET B 144 -5.67 -8.20 8.85
C MET B 144 -6.26 -9.18 7.85
N PHE B 145 -5.58 -10.32 7.65
CA PHE B 145 -6.06 -11.28 6.66
C PHE B 145 -7.40 -11.84 7.09
N HIS B 146 -7.55 -12.12 8.37
CA HIS B 146 -8.83 -12.62 8.85
C HIS B 146 -9.94 -11.60 8.60
N HIS B 147 -9.65 -10.31 8.80
CA HIS B 147 -10.62 -9.26 8.52
C HIS B 147 -11.03 -9.27 7.05
N VAL B 148 -10.06 -9.23 6.12
CA VAL B 148 -10.37 -9.17 4.70
C VAL B 148 -11.07 -10.45 4.23
N ILE B 149 -10.66 -11.61 4.75
CA ILE B 149 -11.35 -12.85 4.39
C ILE B 149 -12.81 -12.78 4.82
N THR B 150 -13.07 -12.37 6.07
CA THR B 150 -14.43 -12.22 6.54
C THR B 150 -15.24 -11.34 5.59
N GLU B 151 -14.67 -10.20 5.16
CA GLU B 151 -15.36 -9.32 4.23
C GLU B 151 -15.64 -10.01 2.91
N GLY B 152 -14.61 -10.63 2.31
CA GLY B 152 -14.79 -11.29 1.03
C GLY B 152 -15.82 -12.41 1.08
N ILE B 153 -15.97 -13.06 2.23
CA ILE B 153 -17.06 -14.02 2.37
C ILE B 153 -18.41 -13.30 2.25
N ALA B 154 -18.54 -12.15 2.90
CA ALA B 154 -19.81 -11.43 2.84
C ALA B 154 -20.03 -10.81 1.46
N ASP B 155 -18.99 -10.25 0.84
CA ASP B 155 -19.31 -9.65 -0.44
C ASP B 155 -19.51 -10.68 -1.53
N GLY B 156 -19.31 -11.96 -1.22
CA GLY B 156 -19.43 -13.02 -2.18
C GLY B 156 -18.27 -13.16 -3.14
N SER B 157 -17.15 -12.48 -2.89
CA SER B 157 -15.98 -12.68 -3.75
C SER B 157 -15.12 -13.86 -3.30
N LEU B 158 -15.43 -14.44 -2.13
CA LEU B 158 -14.78 -15.63 -1.58
C LEU B 158 -15.87 -16.63 -1.24
N ARG B 159 -15.52 -17.92 -1.28
CA ARG B 159 -16.49 -18.98 -0.99
C ARG B 159 -16.95 -18.90 0.46
N ASN B 160 -18.14 -19.42 0.71
CA ASN B 160 -18.71 -19.42 2.05
C ASN B 160 -18.04 -20.49 2.90
N VAL B 161 -16.79 -20.26 3.28
CA VAL B 161 -15.97 -21.22 4.01
C VAL B 161 -15.80 -20.76 5.46
N ASP B 162 -15.26 -21.65 6.30
CA ASP B 162 -14.94 -21.29 7.67
C ASP B 162 -13.86 -20.20 7.69
N ASP B 163 -14.21 -19.03 8.25
CA ASP B 163 -13.35 -17.86 8.16
C ASP B 163 -12.02 -18.06 8.86
N ALA B 164 -12.03 -18.67 10.04
CA ALA B 164 -10.80 -18.81 10.81
C ALA B 164 -9.87 -19.85 10.18
N LEU B 165 -10.41 -21.00 9.80
CA LEU B 165 -9.59 -22.04 9.19
C LEU B 165 -8.98 -21.54 7.87
N ALA B 166 -9.73 -20.71 7.14
CA ALA B 166 -9.22 -20.17 5.89
C ALA B 166 -8.15 -19.12 6.10
N THR B 167 -8.16 -18.41 7.24
CA THR B 167 -7.10 -17.46 7.52
C THR B 167 -5.83 -18.19 7.89
N ARG B 168 -5.92 -19.05 8.91
CA ARG B 168 -4.88 -20.00 9.27
C ARG B 168 -4.29 -20.68 8.03
N THR B 169 -5.15 -21.29 7.22
CA THR B 169 -4.65 -22.02 6.07
C THR B 169 -3.96 -21.09 5.09
N LEU B 170 -4.57 -19.94 4.80
CA LEU B 170 -3.98 -19.02 3.82
C LEU B 170 -2.63 -18.52 4.30
N LEU B 171 -2.49 -18.22 5.58
CA LEU B 171 -1.21 -17.68 6.01
C LEU B 171 -0.13 -18.75 6.03
N SER B 172 -0.42 -19.94 6.56
CA SER B 172 0.61 -20.96 6.54
C SER B 172 0.96 -21.39 5.11
N ASN B 173 -0.01 -21.33 4.17
CA ASN B 173 0.30 -21.55 2.76
C ASN B 173 1.20 -20.46 2.19
N LEU B 174 0.94 -19.18 2.53
CA LEU B 174 1.77 -18.06 2.06
C LEU B 174 3.20 -18.18 2.55
N ASN B 175 3.38 -18.60 3.80
CA ASN B 175 4.71 -18.77 4.36
C ASN B 175 5.36 -20.09 3.97
N ALA B 176 4.60 -21.06 3.44
CA ALA B 176 5.22 -22.32 3.03
C ALA B 176 6.02 -22.17 1.76
N VAL B 177 5.97 -20.98 1.12
CA VAL B 177 6.71 -20.76 -0.11
C VAL B 177 8.20 -20.85 0.14
N ASP B 178 8.64 -20.60 1.37
CA ASP B 178 10.04 -20.83 1.67
C ASP B 178 10.42 -22.29 1.66
N VAL B 179 9.47 -23.22 1.61
CA VAL B 179 9.86 -24.63 1.52
C VAL B 179 10.67 -24.87 0.24
N TRP B 180 10.20 -24.32 -0.88
CA TRP B 180 10.84 -24.56 -2.17
C TRP B 180 11.49 -23.34 -2.78
N TYR B 181 11.06 -22.13 -2.45
CA TYR B 181 11.62 -20.97 -3.11
C TYR B 181 13.08 -20.78 -2.73
N ARG B 182 13.89 -20.40 -3.70
CA ARG B 182 15.31 -20.14 -3.54
C ARG B 182 15.66 -18.85 -4.26
N LYS B 183 16.60 -18.10 -3.71
CA LYS B 183 17.09 -16.88 -4.36
C LYS B 183 17.92 -17.25 -5.57
N ILE B 184 17.34 -17.04 -6.76
CA ILE B 184 17.99 -17.35 -8.03
C ILE B 184 18.81 -16.14 -8.49
N GLU B 185 20.10 -16.35 -8.70
CA GLU B 185 21.00 -15.28 -9.15
C GLU B 185 20.43 -14.59 -10.37
N GLY B 186 20.23 -13.27 -10.27
CA GLY B 186 19.74 -12.52 -11.40
C GLY B 186 18.26 -12.63 -11.68
N GLN B 187 17.48 -13.25 -10.79
CA GLN B 187 16.05 -13.10 -10.91
C GLN B 187 15.69 -11.64 -10.68
N THR B 188 14.76 -11.11 -11.47
CA THR B 188 14.42 -9.71 -11.37
C THR B 188 13.25 -9.50 -10.42
N GLU B 189 12.96 -8.23 -10.16
CA GLU B 189 11.78 -7.90 -9.36
C GLU B 189 10.51 -8.29 -10.08
N LYS B 190 10.45 -8.00 -11.38
CA LYS B 190 9.29 -8.41 -12.16
C LYS B 190 9.13 -9.92 -12.09
N GLU B 191 10.22 -10.65 -12.25
CA GLU B 191 10.15 -12.10 -12.20
C GLU B 191 9.65 -12.58 -10.84
N VAL B 192 10.29 -12.13 -9.76
CA VAL B 192 9.81 -12.44 -8.42
C VAL B 192 8.35 -12.03 -8.28
N HIS B 193 7.99 -10.84 -8.77
CA HIS B 193 6.61 -10.39 -8.65
C HIS B 193 5.66 -11.26 -9.47
N ASP B 194 6.08 -11.70 -10.65
CA ASP B 194 5.25 -12.58 -11.44
C ASP B 194 5.14 -13.96 -10.80
N LEU B 195 6.23 -14.47 -10.21
CA LEU B 195 6.16 -15.77 -9.55
C LEU B 195 5.28 -15.72 -8.31
N ALA B 196 5.33 -14.63 -7.55
CA ALA B 196 4.42 -14.46 -6.42
C ALA B 196 2.98 -14.46 -6.89
N SER B 197 2.70 -13.75 -7.98
CA SER B 197 1.34 -13.70 -8.48
C SER B 197 0.89 -15.08 -8.90
N GLN B 198 1.80 -15.87 -9.47
CA GLN B 198 1.48 -17.25 -9.84
C GLN B 198 1.12 -18.07 -8.61
N VAL B 199 1.98 -18.01 -7.58
CA VAL B 199 1.74 -18.80 -6.37
C VAL B 199 0.38 -18.43 -5.77
N VAL B 200 0.08 -17.13 -5.69
CA VAL B 200 -1.17 -16.65 -5.10
C VAL B 200 -2.37 -17.06 -5.96
N ASP B 201 -2.20 -17.06 -7.28
CA ASP B 201 -3.31 -17.42 -8.14
C ASP B 201 -3.79 -18.84 -7.85
N LEU B 202 -2.87 -19.74 -7.49
CA LEU B 202 -3.24 -21.07 -7.05
C LEU B 202 -3.84 -21.07 -5.64
N LEU B 203 -3.24 -20.34 -4.70
CA LEU B 203 -3.70 -20.37 -3.31
C LEU B 203 -5.13 -19.88 -3.19
N ILE B 204 -5.45 -18.79 -3.90
CA ILE B 204 -6.80 -18.21 -3.84
C ILE B 204 -7.74 -18.91 -4.82
N GLY B 205 -7.28 -19.13 -6.05
CA GLY B 205 -8.15 -19.71 -7.06
C GLY B 205 -8.32 -21.20 -6.94
N GLY B 206 -7.38 -21.87 -6.26
CA GLY B 206 -7.44 -23.30 -6.11
C GLY B 206 -6.87 -24.00 -7.32
N ILE B 207 -6.82 -25.32 -7.20
CA ILE B 207 -6.27 -26.21 -8.26
C ILE B 207 -7.41 -26.93 -8.95
N GLY B 208 -8.58 -26.96 -8.33
CA GLY B 208 -9.78 -27.61 -8.89
C GLY B 208 -10.29 -26.87 -10.10
N ALA B 209 -10.99 -27.54 -10.99
CA ALA B 209 -11.46 -26.90 -12.24
C ALA B 209 -12.63 -25.96 -11.97
N THR B 210 -12.87 -25.06 -12.92
CA THR B 210 -14.00 -24.09 -12.87
C THR B 210 -13.92 -23.30 -11.57
N ASP C 13 8.85 11.60 16.22
CA ASP C 13 8.49 11.61 17.64
C ASP C 13 7.79 12.93 17.99
N VAL C 14 8.38 13.69 18.91
CA VAL C 14 7.78 14.95 19.36
C VAL C 14 7.93 16.05 18.33
N LYS C 15 8.80 15.86 17.34
CA LYS C 15 8.80 16.74 16.18
C LYS C 15 7.53 16.57 15.38
N GLY C 16 7.01 15.33 15.30
CA GLY C 16 5.74 15.11 14.63
C GLY C 16 4.66 16.01 15.18
N ARG C 17 4.64 16.22 16.49
CA ARG C 17 3.65 17.12 17.07
C ARG C 17 3.87 18.55 16.59
N ILE C 18 5.13 18.99 16.50
CA ILE C 18 5.40 20.34 16.02
C ILE C 18 5.03 20.46 14.55
N LEU C 19 5.34 19.44 13.75
CA LEU C 19 5.07 19.51 12.32
C LEU C 19 3.57 19.67 12.04
N ASP C 20 2.73 18.91 12.74
CA ASP C 20 1.29 19.07 12.59
C ASP C 20 0.85 20.49 12.92
N ALA C 21 1.03 20.90 14.18
CA ALA C 21 0.58 22.23 14.59
C ALA C 21 1.24 23.35 13.79
N ALA C 22 2.45 23.10 13.25
CA ALA C 22 3.03 24.08 12.34
C ALA C 22 2.32 24.09 11.00
N ALA C 23 2.03 22.92 10.44
CA ALA C 23 1.32 22.85 9.16
C ALA C 23 -0.04 23.52 9.26
N ASP C 24 -0.78 23.24 10.34
CA ASP C 24 -2.10 23.83 10.50
C ASP C 24 -2.01 25.34 10.65
N ALA C 25 -1.10 25.83 11.49
CA ALA C 25 -0.87 27.27 11.61
C ALA C 25 -0.36 27.88 10.31
N PHE C 26 0.48 27.15 9.58
CA PHE C 26 0.91 27.62 8.26
C PHE C 26 -0.27 27.76 7.31
N MET C 27 -1.22 26.83 7.39
CA MET C 27 -2.38 26.84 6.50
C MET C 27 -3.33 27.99 6.85
N LEU C 28 -3.57 28.19 8.15
CA LEU C 28 -4.57 29.16 8.57
C LEU C 28 -4.06 30.59 8.39
N ARG C 29 -3.05 30.99 9.16
CA ARG C 29 -2.61 32.39 9.20
C ARG C 29 -1.59 32.74 8.12
N GLY C 30 -1.18 31.78 7.30
CA GLY C 30 -0.17 31.99 6.27
C GLY C 30 1.23 31.80 6.80
N PHE C 31 2.15 31.46 5.89
CA PHE C 31 3.55 31.33 6.27
C PHE C 31 4.11 32.68 6.73
N ALA C 32 3.79 33.74 5.98
CA ALA C 32 4.36 35.05 6.24
C ALA C 32 3.96 35.59 7.60
N ASN C 33 2.69 35.44 7.98
CA ASN C 33 2.21 36.01 9.24
C ASN C 33 2.03 34.96 10.32
N THR C 34 2.83 33.91 10.22
CA THR C 34 2.94 32.94 11.33
C THR C 34 4.39 33.02 11.77
N THR C 35 4.62 33.06 13.07
CA THR C 35 5.97 33.13 13.59
C THR C 35 6.26 31.92 14.47
N ILE C 36 7.54 31.75 14.79
CA ILE C 36 7.98 30.61 15.61
C ILE C 36 7.30 30.66 16.96
N ASP C 37 7.06 31.87 17.48
CA ASP C 37 6.28 32.00 18.71
C ASP C 37 4.89 31.42 18.51
N ASP C 38 4.25 31.72 17.38
CA ASP C 38 2.91 31.21 17.12
C ASP C 38 2.89 29.69 17.14
N ILE C 39 3.90 29.04 16.57
CA ILE C 39 3.97 27.59 16.69
C ILE C 39 4.23 27.19 18.14
N ALA C 40 5.06 27.96 18.85
CA ALA C 40 5.29 27.70 20.26
C ALA C 40 3.97 27.73 21.04
N ASP C 41 3.17 28.79 20.87
CA ASP C 41 1.86 28.82 21.50
C ASP C 41 1.05 27.58 21.17
N ASP C 42 0.92 27.26 19.87
CA ASP C 42 0.06 26.14 19.48
C ASP C 42 0.56 24.81 20.01
N VAL C 43 1.88 24.58 19.95
CA VAL C 43 2.45 23.31 20.41
C VAL C 43 2.54 23.24 21.93
N GLY C 44 2.41 24.38 22.62
CA GLY C 44 2.50 24.37 24.06
C GLY C 44 3.89 24.24 24.62
N ALA C 45 4.90 24.76 23.93
CA ALA C 45 6.27 24.77 24.43
C ALA C 45 6.88 26.16 24.31
N THR C 46 8.18 26.28 24.51
CA THR C 46 8.85 27.56 24.39
C THR C 46 9.59 27.66 23.05
N LYS C 47 9.94 28.91 22.69
CA LYS C 47 10.72 29.17 21.48
C LYS C 47 11.99 28.34 21.43
N GLY C 48 12.48 27.90 22.59
CA GLY C 48 13.61 27.00 22.64
C GLY C 48 13.40 25.69 21.90
N LEU C 49 12.47 24.87 22.37
CA LEU C 49 12.38 23.50 21.87
C LEU C 49 12.14 23.47 20.37
N ILE C 50 11.41 24.45 19.82
CA ILE C 50 11.23 24.51 18.37
C ILE C 50 12.58 24.67 17.69
N TYR C 51 13.37 25.66 18.13
CA TYR C 51 14.65 25.94 17.51
C TYR C 51 15.67 24.84 17.78
N TYR C 52 15.46 24.01 18.81
CA TYR C 52 16.24 22.79 18.97
C TYR C 52 16.01 21.85 17.79
N HIS C 53 14.76 21.74 17.33
CA HIS C 53 14.38 20.66 16.44
C HIS C 53 14.51 21.01 14.96
N PHE C 54 14.41 22.28 14.61
CA PHE C 54 14.62 22.71 13.24
C PHE C 54 15.45 23.98 13.28
N ARG C 55 16.19 24.22 12.20
CA ARG C 55 17.10 25.36 12.19
C ARG C 55 16.33 26.67 12.30
N SER C 56 15.34 26.86 11.43
CA SER C 56 14.72 28.17 11.25
C SER C 56 13.26 27.95 10.87
N LYS C 57 12.49 29.04 10.86
CA LYS C 57 11.08 28.97 10.49
C LYS C 57 10.93 28.30 9.13
N PHE C 58 11.74 28.72 8.15
CA PHE C 58 11.71 28.09 6.84
C PHE C 58 12.10 26.61 6.91
N ASP C 59 12.85 26.21 7.94
CA ASP C 59 13.13 24.78 8.09
C ASP C 59 11.87 23.99 8.44
N ILE C 60 10.98 24.54 9.28
CA ILE C 60 9.73 23.83 9.54
C ILE C 60 8.89 23.73 8.27
N PHE C 61 8.80 24.83 7.52
CA PHE C 61 8.12 24.78 6.23
C PHE C 61 8.67 23.64 5.37
N LEU C 62 9.99 23.58 5.24
CA LEU C 62 10.62 22.51 4.48
C LEU C 62 10.28 21.15 5.08
N ALA C 63 10.29 21.05 6.42
CA ALA C 63 10.06 19.76 7.06
C ALA C 63 8.62 19.28 6.84
N VAL C 64 7.64 20.19 6.91
CA VAL C 64 6.25 19.79 6.71
C VAL C 64 6.05 19.35 5.27
N TYR C 65 6.62 20.09 4.33
CA TYR C 65 6.62 19.68 2.94
C TYR C 65 7.21 18.28 2.81
N GLU C 66 8.40 18.08 3.35
CA GLU C 66 9.06 16.80 3.21
C GLU C 66 8.25 15.69 3.86
N ASP C 67 7.76 15.94 5.07
CA ASP C 67 7.00 14.91 5.78
C ASP C 67 5.67 14.63 5.09
N GLY C 68 4.96 15.68 4.68
CA GLY C 68 3.68 15.51 4.02
C GLY C 68 3.80 14.85 2.67
N MET C 69 4.89 15.13 1.95
CA MET C 69 5.21 14.40 0.73
C MET C 69 5.62 12.97 0.99
N ARG C 70 6.18 12.67 2.14
CA ARG C 70 6.44 11.27 2.46
C ARG C 70 5.16 10.54 2.85
N ARG C 71 4.26 11.23 3.56
CA ARG C 71 3.00 10.60 3.93
C ARG C 71 2.23 10.18 2.70
N VAL C 72 2.05 11.10 1.75
CA VAL C 72 1.22 10.74 0.61
C VAL C 72 1.89 9.65 -0.23
N ARG C 73 3.21 9.59 -0.23
CA ARG C 73 3.87 8.59 -1.07
C ARG C 73 3.81 7.20 -0.45
N GLU C 74 4.00 7.08 0.86
CA GLU C 74 3.87 5.76 1.48
C GLU C 74 2.45 5.23 1.39
N ARG C 75 1.47 6.11 1.19
CA ARG C 75 0.10 5.65 1.06
C ARG C 75 -0.26 5.29 -0.37
N VAL C 76 0.34 5.98 -1.36
CA VAL C 76 -0.06 5.78 -2.76
C VAL C 76 0.85 4.78 -3.49
N GLU C 77 2.15 4.83 -3.27
CA GLU C 77 3.08 3.92 -3.95
C GLU C 77 2.74 2.43 -3.82
N PRO C 78 2.24 1.93 -2.67
CA PRO C 78 1.97 0.50 -2.58
C PRO C 78 1.06 -0.03 -3.68
N TYR C 79 0.19 0.80 -4.26
CA TYR C 79 -0.71 0.31 -5.31
C TYR C 79 -0.10 0.36 -6.69
N VAL C 80 1.02 1.06 -6.89
CA VAL C 80 1.60 1.15 -8.22
C VAL C 80 1.92 -0.25 -8.76
N GLY C 81 2.58 -1.08 -7.95
CA GLY C 81 3.00 -2.39 -8.39
C GLY C 81 2.04 -3.52 -8.08
N ALA C 82 0.91 -3.24 -7.45
CA ALA C 82 -0.03 -4.24 -7.02
C ALA C 82 -0.62 -4.93 -8.24
N PRO C 83 -1.42 -5.99 -8.09
CA PRO C 83 -2.14 -6.52 -9.24
C PRO C 83 -3.33 -5.62 -9.59
N GLY C 84 -3.98 -5.94 -10.68
CA GLY C 84 -5.09 -5.15 -11.17
C GLY C 84 -4.73 -4.39 -12.43
N THR C 85 -5.75 -4.03 -13.20
CA THR C 85 -5.52 -3.18 -14.37
C THR C 85 -4.99 -1.80 -13.96
N GLY C 86 -4.59 -1.02 -14.97
CA GLY C 86 -4.15 0.34 -14.71
C GLY C 86 -5.23 1.19 -14.05
N ARG C 87 -6.45 1.13 -14.60
CA ARG C 87 -7.54 1.88 -14.00
C ARG C 87 -7.77 1.49 -12.55
N GLN C 88 -7.62 0.21 -12.23
CA GLN C 88 -7.88 -0.29 -10.88
C GLN C 88 -6.84 0.22 -9.89
N ARG C 89 -5.57 0.26 -10.30
CA ARG C 89 -4.57 0.81 -9.38
C ARG C 89 -4.65 2.33 -9.33
N LEU C 90 -4.96 2.98 -10.45
CA LEU C 90 -5.15 4.42 -10.48
C LEU C 90 -6.28 4.84 -9.55
N VAL C 91 -7.40 4.10 -9.55
CA VAL C 91 -8.49 4.42 -8.62
C VAL C 91 -7.99 4.33 -7.18
N ALA C 92 -7.28 3.26 -6.85
CA ALA C 92 -6.84 3.06 -5.47
C ALA C 92 -5.81 4.10 -5.09
N MET C 93 -4.94 4.46 -6.03
CA MET C 93 -3.98 5.54 -5.78
C MET C 93 -4.72 6.85 -5.49
N SER C 94 -5.79 7.14 -6.25
CA SER C 94 -6.47 8.43 -6.17
C SER C 94 -7.24 8.55 -4.87
N VAL C 95 -7.95 7.47 -4.49
CA VAL C 95 -8.70 7.49 -3.24
C VAL C 95 -7.75 7.73 -2.10
N ALA C 96 -6.61 7.02 -2.13
CA ALA C 96 -5.58 7.27 -1.15
C ALA C 96 -5.11 8.72 -1.21
N HIS C 97 -4.86 9.25 -2.41
CA HIS C 97 -4.37 10.62 -2.53
C HIS C 97 -5.41 11.60 -1.96
N VAL C 98 -6.68 11.44 -2.31
CA VAL C 98 -7.72 12.33 -1.79
C VAL C 98 -7.90 12.15 -0.27
N GLU C 99 -7.86 10.90 0.19
CA GLU C 99 -8.05 10.67 1.61
C GLU C 99 -6.91 11.27 2.42
N ASN C 100 -5.70 11.23 1.87
CA ASN C 100 -4.58 11.89 2.51
C ASN C 100 -4.85 13.39 2.64
N LEU C 101 -5.38 14.01 1.59
CA LEU C 101 -5.68 15.43 1.61
C LEU C 101 -6.67 15.78 2.72
N MET C 102 -7.82 15.09 2.77
CA MET C 102 -8.87 15.44 3.72
C MET C 102 -8.49 15.14 5.16
N ILE C 103 -7.57 14.22 5.39
CA ILE C 103 -7.17 13.85 6.75
C ILE C 103 -6.03 14.74 7.25
N ASP C 104 -5.15 15.14 6.33
CA ASP C 104 -3.95 15.92 6.65
C ASP C 104 -4.00 17.22 5.85
N LEU C 105 -5.07 18.01 6.02
CA LEU C 105 -5.24 19.23 5.22
C LEU C 105 -4.06 20.17 5.39
N GLY C 106 -3.59 20.34 6.63
CA GLY C 106 -2.47 21.23 6.87
C GLY C 106 -1.25 20.87 6.04
N TYR C 107 -0.92 19.56 5.99
CA TYR C 107 0.22 19.12 5.18
C TYR C 107 -0.04 19.39 3.70
N HIS C 108 -1.29 19.22 3.25
CA HIS C 108 -1.61 19.39 1.85
C HIS C 108 -1.48 20.85 1.42
N HIS C 109 -1.85 21.78 2.31
CA HIS C 109 -1.71 23.20 2.03
C HIS C 109 -0.24 23.60 1.92
N VAL C 110 0.60 23.17 2.87
CA VAL C 110 2.01 23.56 2.83
C VAL C 110 2.68 22.97 1.59
N VAL C 111 2.29 21.77 1.19
CA VAL C 111 2.86 21.17 0.01
C VAL C 111 2.55 21.99 -1.23
N HIS C 112 1.28 22.38 -1.41
CA HIS C 112 0.84 23.17 -2.56
C HIS C 112 0.83 24.68 -2.34
N GLN C 113 1.26 25.16 -1.16
CA GLN C 113 1.62 26.56 -0.97
C GLN C 113 3.13 26.75 -0.89
N GLY C 114 3.90 25.79 -1.39
CA GLY C 114 5.31 25.98 -1.65
C GLY C 114 5.58 26.90 -2.82
N VAL C 115 4.52 27.35 -3.50
CA VAL C 115 4.63 28.42 -4.49
C VAL C 115 4.24 29.74 -3.85
N ARG C 116 3.33 29.71 -2.86
CA ARG C 116 3.01 30.91 -2.10
C ARG C 116 4.25 31.46 -1.39
N ASP C 117 5.18 30.58 -1.03
CA ASP C 117 6.50 31.00 -0.58
C ASP C 117 7.39 31.43 -1.75
N GLN C 118 7.20 30.80 -2.92
CA GLN C 118 7.92 31.22 -4.13
C GLN C 118 7.45 32.57 -4.65
N ALA C 119 6.25 33.03 -4.24
CA ALA C 119 5.72 34.30 -4.74
C ALA C 119 6.66 35.45 -4.41
N SER C 120 7.16 35.49 -3.17
CA SER C 120 8.25 36.41 -2.86
C SER C 120 9.50 35.96 -3.59
N THR C 121 10.25 36.93 -4.11
CA THR C 121 11.43 36.62 -4.93
C THR C 121 12.35 35.66 -4.19
N ALA C 122 12.62 34.51 -4.84
CA ALA C 122 13.41 33.44 -4.23
C ALA C 122 14.71 34.00 -3.66
N LEU C 123 14.84 33.93 -2.35
CA LEU C 123 15.88 34.69 -1.68
C LEU C 123 17.17 33.88 -1.49
N LYS C 124 17.12 32.77 -0.77
CA LYS C 124 18.33 32.01 -0.46
C LYS C 124 18.50 30.88 -1.47
N VAL C 125 19.68 30.83 -2.09
CA VAL C 125 20.02 29.75 -3.00
C VAL C 125 20.16 28.42 -2.26
N ARG C 126 20.88 28.43 -1.12
CA ARG C 126 21.06 27.23 -0.30
C ARG C 126 19.74 26.73 0.31
N GLN C 127 18.66 27.51 0.18
CA GLN C 127 17.29 27.13 0.49
C GLN C 127 16.50 26.73 -0.76
N ARG C 128 16.65 27.53 -1.81
CA ARG C 128 16.05 27.16 -3.12
C ARG C 128 16.82 25.93 -3.64
N ASP C 129 17.70 25.37 -2.81
CA ASP C 129 18.50 24.16 -3.14
C ASP C 129 17.76 22.99 -2.54
N ALA C 130 17.10 23.22 -1.40
CA ALA C 130 16.31 22.19 -0.72
C ALA C 130 14.87 22.25 -1.23
N LEU C 131 14.34 23.46 -1.45
CA LEU C 131 12.96 23.62 -1.97
C LEU C 131 12.88 22.99 -3.35
N ALA C 132 13.91 23.20 -4.18
CA ALA C 132 13.93 22.59 -5.52
C ALA C 132 14.13 21.08 -5.38
N ALA C 133 14.88 20.65 -4.36
CA ALA C 133 15.06 19.21 -4.16
C ALA C 133 13.71 18.63 -3.77
N LEU C 134 12.94 19.39 -2.99
CA LEU C 134 11.60 18.95 -2.59
C LEU C 134 10.66 18.92 -3.79
N ASN C 135 10.76 19.92 -4.67
CA ASN C 135 9.98 19.93 -5.89
C ASN C 135 10.20 18.65 -6.68
N GLU C 136 11.43 18.12 -6.67
CA GLU C 136 11.67 16.85 -7.36
C GLU C 136 10.96 15.70 -6.67
N LEU C 137 10.74 15.77 -5.36
CA LEU C 137 9.95 14.75 -4.68
C LEU C 137 8.50 14.76 -5.17
N ARG C 138 7.92 15.95 -5.31
CA ARG C 138 6.59 16.07 -5.88
C ARG C 138 6.59 15.62 -7.34
N ARG C 139 7.67 15.90 -8.07
CA ARG C 139 7.81 15.43 -9.45
C ARG C 139 7.77 13.91 -9.52
N ASP C 140 8.49 13.25 -8.61
CA ASP C 140 8.51 11.79 -8.58
C ASP C 140 7.15 11.20 -8.23
N TYR C 141 6.46 11.83 -7.28
CA TYR C 141 5.12 11.37 -6.93
C TYR C 141 4.21 11.37 -8.16
N GLU C 142 4.16 12.50 -8.88
CA GLU C 142 3.32 12.60 -10.08
C GLU C 142 3.75 11.63 -11.16
N ARG C 143 5.03 11.26 -11.21
CA ARG C 143 5.49 10.25 -12.15
C ARG C 143 4.82 8.90 -11.89
N MET C 144 4.55 8.58 -10.63
CA MET C 144 3.79 7.35 -10.35
C MET C 144 2.46 7.37 -11.08
N PHE C 145 1.74 8.49 -11.02
CA PHE C 145 0.45 8.58 -11.68
C PHE C 145 0.61 8.55 -13.18
N HIS C 146 1.66 9.17 -13.70
CA HIS C 146 1.86 9.09 -15.13
C HIS C 146 2.08 7.65 -15.57
N HIS C 147 2.82 6.88 -14.76
CA HIS C 147 3.14 5.50 -15.13
C HIS C 147 1.89 4.63 -15.18
N VAL C 148 1.01 4.72 -14.17
CA VAL C 148 -0.21 3.92 -14.14
C VAL C 148 -1.16 4.35 -15.26
N ILE C 149 -1.30 5.66 -15.46
CA ILE C 149 -2.15 6.15 -16.55
C ILE C 149 -1.67 5.60 -17.88
N THR C 150 -0.37 5.66 -18.14
CA THR C 150 0.20 5.05 -19.35
C THR C 150 -0.14 3.57 -19.44
N GLU C 151 0.05 2.84 -18.33
CA GLU C 151 -0.26 1.42 -18.31
C GLU C 151 -1.75 1.19 -18.52
N GLY C 152 -2.59 2.03 -17.91
CA GLY C 152 -4.03 1.87 -18.05
C GLY C 152 -4.53 2.26 -19.43
N ILE C 153 -3.80 3.13 -20.13
CA ILE C 153 -4.14 3.41 -21.51
C ILE C 153 -3.81 2.19 -22.36
N ALA C 154 -2.62 1.63 -22.17
CA ALA C 154 -2.20 0.49 -22.96
C ALA C 154 -3.03 -0.76 -22.66
N ASP C 155 -3.41 -0.99 -21.42
CA ASP C 155 -4.17 -2.21 -21.16
C ASP C 155 -5.66 -2.02 -21.40
N GLY C 156 -6.08 -0.90 -21.96
CA GLY C 156 -7.47 -0.68 -22.32
C GLY C 156 -8.39 -0.29 -21.17
N SER C 157 -7.93 -0.32 -19.93
CA SER C 157 -8.84 0.01 -18.85
C SER C 157 -9.00 1.52 -18.67
N LEU C 158 -8.25 2.34 -19.43
CA LEU C 158 -8.44 3.78 -19.54
C LEU C 158 -8.68 4.15 -21.01
N ARG C 159 -9.22 5.34 -21.21
CA ARG C 159 -9.46 5.85 -22.56
C ARG C 159 -8.15 6.19 -23.26
N ASN C 160 -8.16 6.12 -24.59
CA ASN C 160 -6.99 6.48 -25.37
C ASN C 160 -6.90 8.00 -25.37
N VAL C 161 -6.40 8.55 -24.27
CA VAL C 161 -6.26 9.99 -24.12
C VAL C 161 -4.79 10.37 -24.03
N ASP C 162 -4.50 11.66 -23.99
CA ASP C 162 -3.12 12.13 -23.88
C ASP C 162 -2.59 11.86 -22.48
N ASP C 163 -1.54 11.05 -22.41
CA ASP C 163 -0.98 10.61 -21.13
C ASP C 163 -0.51 11.78 -20.29
N ALA C 164 0.13 12.76 -20.91
CA ALA C 164 0.63 13.94 -20.21
C ALA C 164 -0.51 14.80 -19.68
N LEU C 165 -1.44 15.18 -20.56
CA LEU C 165 -2.54 16.06 -20.16
C LEU C 165 -3.42 15.42 -19.11
N ALA C 166 -3.66 14.11 -19.24
CA ALA C 166 -4.47 13.38 -18.27
C ALA C 166 -3.79 13.32 -16.91
N THR C 167 -2.46 13.34 -16.88
CA THR C 167 -1.74 13.27 -15.61
C THR C 167 -1.81 14.62 -14.89
N ARG C 168 -1.46 15.71 -15.59
CA ARG C 168 -1.64 17.06 -15.08
C ARG C 168 -3.07 17.28 -14.59
N THR C 169 -4.05 17.02 -15.46
CA THR C 169 -5.46 17.24 -15.14
C THR C 169 -5.89 16.46 -13.91
N LEU C 170 -5.57 15.16 -13.88
CA LEU C 170 -6.02 14.32 -12.76
C LEU C 170 -5.39 14.78 -11.45
N LEU C 171 -4.08 15.01 -11.44
CA LEU C 171 -3.44 15.41 -10.20
C LEU C 171 -3.95 16.76 -9.72
N SER C 172 -4.13 17.71 -10.63
CA SER C 172 -4.71 18.98 -10.20
C SER C 172 -6.14 18.78 -9.71
N ASN C 173 -6.89 17.88 -10.35
CA ASN C 173 -8.23 17.55 -9.87
C ASN C 173 -8.21 16.91 -8.48
N LEU C 174 -7.23 16.05 -8.19
CA LEU C 174 -7.11 15.45 -6.86
C LEU C 174 -6.75 16.49 -5.79
N ASN C 175 -5.82 17.39 -6.10
CA ASN C 175 -5.48 18.44 -5.15
C ASN C 175 -6.55 19.54 -5.10
N ALA C 176 -7.45 19.62 -6.08
CA ALA C 176 -8.45 20.69 -6.04
C ALA C 176 -9.54 20.42 -5.02
N VAL C 177 -9.58 19.20 -4.45
CA VAL C 177 -10.60 18.85 -3.47
C VAL C 177 -10.57 19.84 -2.32
N ASP C 178 -9.39 20.34 -1.98
CA ASP C 178 -9.29 21.29 -0.89
C ASP C 178 -10.01 22.62 -1.16
N VAL C 179 -10.44 22.90 -2.40
CA VAL C 179 -11.19 24.14 -2.62
C VAL C 179 -12.48 24.15 -1.81
N TRP C 180 -13.22 23.01 -1.80
CA TRP C 180 -14.51 22.93 -1.16
C TRP C 180 -14.55 22.03 0.07
N TYR C 181 -13.55 21.18 0.26
CA TYR C 181 -13.58 20.28 1.40
C TYR C 181 -13.29 21.01 2.72
N ARG C 182 -14.06 20.77 3.77
CA ARG C 182 -13.71 21.36 5.09
C ARG C 182 -13.55 20.24 6.12
N LYS C 183 -12.85 20.39 7.24
CA LYS C 183 -12.82 19.23 8.18
C LYS C 183 -14.14 19.24 8.96
N ILE C 184 -15.11 18.36 8.67
CA ILE C 184 -16.33 18.42 9.47
C ILE C 184 -16.07 17.80 10.84
N GLU C 185 -16.46 18.51 11.90
CA GLU C 185 -16.32 17.97 13.25
C GLU C 185 -17.04 16.64 13.37
N GLY C 186 -16.30 15.57 13.64
CA GLY C 186 -16.93 14.28 13.84
C GLY C 186 -17.14 13.46 12.59
N GLN C 187 -16.51 13.80 11.48
CA GLN C 187 -16.53 12.89 10.35
C GLN C 187 -15.62 11.70 10.67
N THR C 188 -16.13 10.49 10.46
CA THR C 188 -15.36 9.30 10.80
C THR C 188 -14.33 9.01 9.71
N GLU C 189 -13.43 8.08 10.00
CA GLU C 189 -12.55 7.56 8.97
C GLU C 189 -13.34 7.06 7.78
N LYS C 190 -14.36 6.24 8.07
CA LYS C 190 -15.18 5.65 7.03
C LYS C 190 -15.85 6.72 6.18
N GLU C 191 -16.40 7.75 6.83
CA GLU C 191 -17.06 8.81 6.08
C GLU C 191 -16.08 9.54 5.17
N VAL C 192 -14.93 9.92 5.70
CA VAL C 192 -13.91 10.54 4.87
C VAL C 192 -13.51 9.59 3.76
N HIS C 193 -13.30 8.31 4.09
CA HIS C 193 -12.90 7.38 3.04
C HIS C 193 -13.96 7.27 1.96
N ASP C 194 -15.23 7.21 2.37
CA ASP C 194 -16.32 7.12 1.41
C ASP C 194 -16.44 8.37 0.56
N LEU C 195 -16.28 9.56 1.15
CA LEU C 195 -16.34 10.80 0.38
C LEU C 195 -15.22 10.85 -0.64
N ALA C 196 -14.02 10.43 -0.25
CA ALA C 196 -12.90 10.37 -1.19
C ALA C 196 -13.21 9.44 -2.35
N SER C 197 -13.93 8.34 -2.06
CA SER C 197 -14.28 7.39 -3.11
C SER C 197 -15.36 7.97 -4.01
N GLN C 198 -16.31 8.71 -3.43
CA GLN C 198 -17.25 9.45 -4.25
C GLN C 198 -16.55 10.43 -5.18
N VAL C 199 -15.57 11.19 -4.65
CA VAL C 199 -14.86 12.15 -5.48
C VAL C 199 -14.11 11.42 -6.59
N VAL C 200 -13.34 10.39 -6.24
CA VAL C 200 -12.52 9.72 -7.25
C VAL C 200 -13.40 9.14 -8.33
N ASP C 201 -14.64 8.78 -7.98
CA ASP C 201 -15.56 8.21 -8.95
C ASP C 201 -15.91 9.21 -10.04
N LEU C 202 -16.07 10.48 -9.67
CA LEU C 202 -16.32 11.49 -10.70
C LEU C 202 -15.06 11.79 -11.51
N LEU C 203 -13.89 11.80 -10.87
CA LEU C 203 -12.65 12.08 -11.58
C LEU C 203 -12.32 11.00 -12.60
N ILE C 204 -12.29 9.73 -12.18
CA ILE C 204 -11.96 8.65 -13.11
C ILE C 204 -13.13 8.36 -14.03
N GLY C 205 -14.34 8.30 -13.47
CA GLY C 205 -15.47 7.80 -14.22
C GLY C 205 -16.11 8.84 -15.09
N GLY C 206 -15.91 10.10 -14.77
CA GLY C 206 -16.49 11.19 -15.50
C GLY C 206 -17.89 11.48 -15.02
N ILE C 207 -18.41 12.57 -15.53
CA ILE C 207 -19.76 12.98 -15.19
C ILE C 207 -20.72 12.80 -16.36
N GLY C 208 -20.23 12.73 -17.59
CA GLY C 208 -21.07 12.38 -18.70
C GLY C 208 -21.46 10.91 -18.66
N ALA C 209 -22.59 10.61 -19.30
CA ALA C 209 -23.10 9.25 -19.38
C ALA C 209 -22.48 8.51 -20.57
N THR C 210 -22.37 7.20 -20.43
CA THR C 210 -21.92 6.35 -21.54
C THR C 210 -22.62 5.00 -21.52
N SER D 12 8.02 -55.68 16.52
CA SER D 12 8.52 -54.32 16.62
C SER D 12 7.55 -53.37 17.35
N ASP D 13 7.06 -53.83 18.51
CA ASP D 13 6.31 -52.95 19.41
C ASP D 13 7.19 -52.27 20.43
N VAL D 14 8.26 -52.94 20.88
CA VAL D 14 9.25 -52.24 21.69
C VAL D 14 10.02 -51.26 20.82
N LYS D 15 10.35 -51.65 19.59
CA LYS D 15 11.06 -50.75 18.69
C LYS D 15 10.18 -49.60 18.23
N GLY D 16 8.89 -49.86 18.02
CA GLY D 16 7.99 -48.79 17.64
C GLY D 16 7.82 -47.76 18.74
N ARG D 17 7.79 -48.20 19.99
CA ARG D 17 7.56 -47.28 21.09
C ARG D 17 8.73 -46.30 21.24
N ILE D 18 9.95 -46.74 20.94
CA ILE D 18 11.13 -45.87 20.94
C ILE D 18 11.02 -44.85 19.79
N LEU D 19 10.64 -45.32 18.61
CA LEU D 19 10.50 -44.45 17.45
C LEU D 19 9.39 -43.43 17.67
N ASP D 20 8.29 -43.86 18.28
CA ASP D 20 7.21 -42.94 18.64
C ASP D 20 7.71 -41.86 19.61
N ALA D 21 8.48 -42.27 20.62
CA ALA D 21 8.97 -41.32 21.61
C ALA D 21 10.14 -40.49 21.07
N ALA D 22 10.96 -41.07 20.19
CA ALA D 22 11.99 -40.30 19.51
C ALA D 22 11.37 -39.26 18.59
N ALA D 23 10.27 -39.64 17.91
CA ALA D 23 9.57 -38.71 17.03
C ALA D 23 9.13 -37.46 17.78
N ASP D 24 8.68 -37.62 19.03
CA ASP D 24 8.18 -36.50 19.81
C ASP D 24 9.28 -35.69 20.47
N ALA D 25 10.32 -36.35 20.97
CA ALA D 25 11.43 -35.59 21.55
C ALA D 25 12.15 -34.78 20.49
N PHE D 26 12.41 -35.38 19.31
CA PHE D 26 12.98 -34.62 18.20
C PHE D 26 12.09 -33.45 17.82
N MET D 27 10.77 -33.61 17.96
CA MET D 27 9.84 -32.55 17.58
C MET D 27 9.76 -31.46 18.64
N LEU D 28 9.76 -31.82 19.92
CA LEU D 28 9.60 -30.83 20.97
C LEU D 28 10.93 -30.12 21.26
N ARG D 29 11.94 -30.85 21.70
CA ARG D 29 13.21 -30.26 22.09
C ARG D 29 14.19 -30.10 20.94
N GLY D 30 13.92 -30.67 19.76
CA GLY D 30 14.86 -30.56 18.66
C GLY D 30 15.95 -31.62 18.71
N PHE D 31 16.43 -32.04 17.54
CA PHE D 31 17.37 -33.16 17.45
C PHE D 31 18.65 -32.88 18.23
N ALA D 32 19.23 -31.70 18.03
CA ALA D 32 20.49 -31.36 18.68
C ALA D 32 20.34 -31.25 20.20
N ASN D 33 19.12 -31.04 20.70
CA ASN D 33 18.89 -30.79 22.12
C ASN D 33 18.44 -32.02 22.89
N THR D 34 18.27 -33.16 22.21
CA THR D 34 17.80 -34.38 22.87
C THR D 34 18.90 -35.41 22.87
N THR D 35 18.91 -36.24 23.91
CA THR D 35 19.91 -37.29 24.10
C THR D 35 19.23 -38.66 24.18
N ILE D 36 20.07 -39.71 24.07
CA ILE D 36 19.58 -41.06 24.27
C ILE D 36 18.98 -41.23 25.65
N ASP D 37 19.51 -40.49 26.63
CA ASP D 37 18.90 -40.43 27.96
C ASP D 37 17.64 -39.59 27.99
N ASP D 38 17.26 -38.95 26.89
CA ASP D 38 15.88 -38.46 26.80
C ASP D 38 14.96 -39.57 26.29
N ILE D 39 15.28 -40.14 25.14
CA ILE D 39 14.47 -41.21 24.57
C ILE D 39 14.30 -42.35 25.58
N ALA D 40 15.40 -42.75 26.21
CA ALA D 40 15.34 -43.84 27.18
C ALA D 40 14.28 -43.58 28.26
N ASP D 41 14.33 -42.39 28.86
CA ASP D 41 13.39 -42.05 29.94
C ASP D 41 11.95 -42.09 29.45
N ASP D 42 11.68 -41.54 28.26
CA ASP D 42 10.29 -41.36 27.83
C ASP D 42 9.57 -42.68 27.67
N VAL D 43 10.30 -43.76 27.37
CA VAL D 43 9.71 -45.08 27.25
C VAL D 43 9.84 -45.88 28.54
N GLY D 44 10.33 -45.25 29.62
CA GLY D 44 10.46 -45.91 30.91
C GLY D 44 11.43 -47.07 30.85
N ALA D 45 12.59 -46.83 30.23
CA ALA D 45 13.55 -47.88 29.97
C ALA D 45 14.97 -47.34 30.14
N THR D 46 15.90 -48.26 30.24
CA THR D 46 17.31 -47.99 30.48
C THR D 46 18.04 -47.74 29.16
N LYS D 47 19.09 -46.91 29.22
CA LYS D 47 19.77 -46.46 28.01
C LYS D 47 20.37 -47.62 27.21
N GLY D 48 20.74 -48.72 27.88
CA GLY D 48 21.27 -49.86 27.16
C GLY D 48 20.27 -50.45 26.17
N LEU D 49 18.98 -50.43 26.52
CA LEU D 49 17.94 -50.91 25.61
C LEU D 49 18.01 -50.21 24.26
N ILE D 50 18.05 -48.87 24.28
CA ILE D 50 18.03 -48.12 23.02
C ILE D 50 19.19 -48.55 22.15
N TYR D 51 20.39 -48.57 22.73
CA TYR D 51 21.57 -48.95 21.97
C TYR D 51 21.50 -50.37 21.43
N TYR D 52 20.72 -51.25 22.07
CA TYR D 52 20.47 -52.55 21.47
C TYR D 52 19.90 -52.39 20.08
N HIS D 53 18.82 -51.61 19.95
CA HIS D 53 18.10 -51.52 18.69
C HIS D 53 18.75 -50.56 17.70
N PHE D 54 19.65 -49.69 18.15
CA PHE D 54 20.05 -48.55 17.34
C PHE D 54 21.51 -48.20 17.52
N ARG D 55 22.20 -48.01 16.40
CA ARG D 55 23.62 -47.71 16.45
C ARG D 55 23.89 -46.32 17.04
N SER D 56 23.11 -45.30 16.66
CA SER D 56 23.31 -43.97 17.21
C SER D 56 22.01 -43.17 17.21
N LYS D 57 22.02 -42.08 17.97
CA LYS D 57 20.87 -41.16 17.94
C LYS D 57 20.63 -40.67 16.52
N PHE D 58 21.68 -40.53 15.72
CA PHE D 58 21.44 -40.22 14.31
C PHE D 58 20.75 -41.37 13.60
N ASP D 59 21.14 -42.61 13.89
CA ASP D 59 20.47 -43.76 13.29
C ASP D 59 19.00 -43.83 13.71
N ILE D 60 18.70 -43.46 14.96
CA ILE D 60 17.30 -43.33 15.37
C ILE D 60 16.58 -42.33 14.46
N PHE D 61 17.23 -41.20 14.18
CA PHE D 61 16.63 -40.17 13.34
C PHE D 61 16.30 -40.72 11.97
N LEU D 62 17.23 -41.48 11.37
CA LEU D 62 16.95 -42.11 10.10
C LEU D 62 15.77 -43.08 10.18
N ALA D 63 15.62 -43.76 11.32
CA ALA D 63 14.56 -44.76 11.43
C ALA D 63 13.19 -44.09 11.48
N VAL D 64 13.08 -43.00 12.24
CA VAL D 64 11.84 -42.22 12.27
C VAL D 64 11.51 -41.70 10.87
N TYR D 65 12.52 -41.21 10.15
CA TYR D 65 12.31 -40.71 8.79
C TYR D 65 11.75 -41.81 7.88
N GLU D 66 12.42 -42.96 7.85
CA GLU D 66 11.99 -44.05 6.99
C GLU D 66 10.62 -44.58 7.37
N ASP D 67 10.33 -44.68 8.67
CA ASP D 67 9.01 -45.12 9.10
C ASP D 67 7.94 -44.11 8.73
N GLY D 68 8.20 -42.82 8.95
CA GLY D 68 7.24 -41.81 8.55
C GLY D 68 6.93 -41.88 7.08
N MET D 69 7.95 -42.04 6.25
CA MET D 69 7.77 -42.13 4.81
C MET D 69 6.96 -43.35 4.42
N ARG D 70 7.19 -44.48 5.10
CA ARG D 70 6.41 -45.69 4.80
C ARG D 70 4.94 -45.48 5.14
N ARG D 71 4.65 -44.93 6.32
CA ARG D 71 3.26 -44.79 6.74
C ARG D 71 2.48 -43.93 5.76
N VAL D 72 3.06 -42.82 5.33
CA VAL D 72 2.26 -41.92 4.51
C VAL D 72 2.08 -42.49 3.10
N ARG D 73 3.14 -43.05 2.51
CA ARG D 73 2.98 -43.64 1.19
C ARG D 73 2.01 -44.82 1.21
N GLU D 74 1.98 -45.56 2.31
CA GLU D 74 1.05 -46.67 2.42
C GLU D 74 -0.39 -46.16 2.43
N ARG D 75 -0.63 -45.05 3.13
CA ARG D 75 -1.97 -44.54 3.26
C ARG D 75 -2.44 -43.83 1.99
N VAL D 76 -1.53 -43.41 1.13
CA VAL D 76 -1.84 -42.50 0.04
C VAL D 76 -1.74 -43.18 -1.32
N GLU D 77 -0.67 -43.93 -1.54
CA GLU D 77 -0.50 -44.62 -2.81
C GLU D 77 -1.70 -45.42 -3.28
N PRO D 78 -2.49 -46.09 -2.41
CA PRO D 78 -3.66 -46.83 -2.91
C PRO D 78 -4.63 -45.99 -3.71
N TYR D 79 -4.78 -44.71 -3.38
CA TYR D 79 -5.70 -43.89 -4.16
C TYR D 79 -5.17 -43.55 -5.53
N VAL D 80 -3.86 -43.67 -5.74
CA VAL D 80 -3.25 -43.13 -6.96
C VAL D 80 -3.84 -43.79 -8.19
N GLY D 81 -3.93 -45.12 -8.19
CA GLY D 81 -4.42 -45.88 -9.32
C GLY D 81 -5.91 -46.14 -9.31
N ALA D 82 -6.64 -45.60 -8.32
CA ALA D 82 -8.07 -45.79 -8.23
C ALA D 82 -8.76 -45.30 -9.51
N PRO D 83 -9.98 -45.79 -9.76
CA PRO D 83 -10.82 -45.13 -10.77
C PRO D 83 -11.20 -43.75 -10.29
N GLY D 84 -11.54 -42.89 -11.25
CA GLY D 84 -11.99 -41.54 -10.98
C GLY D 84 -11.11 -40.51 -11.65
N THR D 85 -11.57 -39.27 -11.56
CA THR D 85 -10.87 -38.15 -12.14
C THR D 85 -9.61 -37.84 -11.34
N GLY D 86 -8.80 -36.94 -11.89
CA GLY D 86 -7.59 -36.52 -11.19
C GLY D 86 -7.89 -35.81 -9.88
N ARG D 87 -8.88 -34.92 -9.88
CA ARG D 87 -9.22 -34.22 -8.64
C ARG D 87 -9.79 -35.18 -7.62
N GLN D 88 -10.65 -36.09 -8.06
CA GLN D 88 -11.22 -37.08 -7.16
C GLN D 88 -10.13 -37.87 -6.43
N ARG D 89 -9.12 -38.31 -7.18
CA ARG D 89 -8.01 -39.06 -6.60
C ARG D 89 -7.06 -38.15 -5.82
N LEU D 90 -6.82 -36.93 -6.32
CA LEU D 90 -5.94 -35.99 -5.61
C LEU D 90 -6.51 -35.64 -4.24
N VAL D 91 -7.81 -35.37 -4.17
CA VAL D 91 -8.44 -35.02 -2.90
C VAL D 91 -8.29 -36.15 -1.89
N ALA D 92 -8.53 -37.39 -2.31
CA ALA D 92 -8.33 -38.52 -1.40
C ALA D 92 -6.89 -38.63 -0.97
N MET D 93 -5.95 -38.42 -1.90
CA MET D 93 -4.52 -38.52 -1.55
C MET D 93 -4.13 -37.45 -0.53
N SER D 94 -4.56 -36.20 -0.78
CA SER D 94 -4.25 -35.07 0.08
C SER D 94 -4.87 -35.23 1.46
N VAL D 95 -6.13 -35.65 1.53
CA VAL D 95 -6.73 -35.86 2.85
C VAL D 95 -5.92 -36.90 3.62
N ALA D 96 -5.54 -38.00 2.97
CA ALA D 96 -4.80 -39.04 3.65
C ALA D 96 -3.45 -38.54 4.14
N HIS D 97 -2.75 -37.76 3.31
CA HIS D 97 -1.52 -37.10 3.75
C HIS D 97 -1.77 -36.20 4.96
N VAL D 98 -2.84 -35.41 4.93
CA VAL D 98 -3.10 -34.49 6.04
C VAL D 98 -3.55 -35.22 7.29
N GLU D 99 -4.31 -36.32 7.15
CA GLU D 99 -4.62 -37.16 8.32
C GLU D 99 -3.36 -37.76 8.92
N ASN D 100 -2.45 -38.23 8.06
CA ASN D 100 -1.22 -38.82 8.58
C ASN D 100 -0.40 -37.78 9.32
N LEU D 101 -0.36 -36.56 8.80
CA LEU D 101 0.32 -35.47 9.48
C LEU D 101 -0.27 -35.28 10.87
N MET D 102 -1.59 -35.17 10.97
CA MET D 102 -2.22 -34.86 12.26
C MET D 102 -2.09 -36.04 13.23
N ILE D 103 -2.36 -37.25 12.75
CA ILE D 103 -2.23 -38.41 13.63
C ILE D 103 -0.76 -38.58 14.06
N ASP D 104 0.17 -38.28 13.15
CA ASP D 104 1.58 -38.61 13.39
C ASP D 104 2.48 -37.38 13.38
N LEU D 105 2.10 -36.36 14.14
CA LEU D 105 2.79 -35.08 14.13
C LEU D 105 4.29 -35.22 14.38
N GLY D 106 4.67 -36.07 15.34
CA GLY D 106 6.09 -36.29 15.62
C GLY D 106 6.84 -36.86 14.44
N TYR D 107 6.24 -37.83 13.73
CA TYR D 107 6.86 -38.39 12.53
C TYR D 107 6.98 -37.34 11.44
N HIS D 108 5.89 -36.58 11.21
CA HIS D 108 5.90 -35.56 10.18
C HIS D 108 7.03 -34.57 10.42
N HIS D 109 7.19 -34.16 11.67
CA HIS D 109 8.20 -33.17 11.98
C HIS D 109 9.59 -33.68 11.63
N VAL D 110 9.87 -34.95 11.91
CA VAL D 110 11.19 -35.49 11.59
C VAL D 110 11.37 -35.58 10.09
N VAL D 111 10.33 -36.00 9.36
CA VAL D 111 10.46 -36.10 7.91
C VAL D 111 10.73 -34.74 7.29
N HIS D 112 10.24 -33.67 7.92
CA HIS D 112 10.54 -32.30 7.52
C HIS D 112 11.43 -31.59 8.55
N GLN D 113 12.40 -32.35 9.09
CA GLN D 113 13.59 -31.83 9.76
C GLN D 113 14.85 -32.28 9.04
N GLY D 114 14.74 -32.86 7.85
CA GLY D 114 15.91 -33.09 7.04
C GLY D 114 16.63 -31.79 6.75
N VAL D 115 15.88 -30.70 6.60
CA VAL D 115 16.47 -29.38 6.36
C VAL D 115 17.32 -28.95 7.55
N ARG D 116 16.82 -29.14 8.78
CA ARG D 116 17.57 -28.74 9.96
C ARG D 116 18.77 -29.65 10.19
N ASP D 117 18.69 -30.90 9.73
CA ASP D 117 19.80 -31.84 9.79
C ASP D 117 20.54 -31.95 8.46
N GLN D 118 20.32 -31.01 7.54
CA GLN D 118 21.18 -30.77 6.38
C GLN D 118 22.08 -29.56 6.60
N ALA D 119 21.47 -28.42 6.95
CA ALA D 119 22.25 -27.22 7.26
C ALA D 119 23.20 -27.46 8.43
N SER D 120 22.82 -28.33 9.37
CA SER D 120 23.74 -28.75 10.42
C SER D 120 24.93 -29.48 9.82
N THR D 121 26.10 -29.29 10.41
CA THR D 121 27.33 -29.73 9.75
C THR D 121 27.41 -31.25 9.76
N ALA D 122 26.91 -31.87 8.69
CA ALA D 122 26.79 -33.31 8.58
C ALA D 122 28.03 -33.90 7.93
N LEU D 123 28.62 -34.91 8.56
CA LEU D 123 29.87 -35.50 8.08
C LEU D 123 29.76 -36.98 7.73
N LYS D 124 29.25 -37.82 8.64
CA LYS D 124 29.41 -39.27 8.53
C LYS D 124 28.92 -39.79 7.18
N VAL D 125 29.87 -40.33 6.39
CA VAL D 125 29.59 -40.73 5.01
C VAL D 125 28.73 -42.01 4.99
N ARG D 126 28.98 -42.94 5.91
CA ARG D 126 28.14 -44.14 5.94
C ARG D 126 26.78 -43.89 6.57
N GLN D 127 26.49 -42.60 6.82
CA GLN D 127 25.26 -42.11 7.41
C GLN D 127 24.56 -41.05 6.57
N ARG D 128 25.32 -40.13 5.95
CA ARG D 128 24.71 -39.15 5.04
C ARG D 128 24.21 -39.80 3.75
N ASP D 129 24.74 -40.97 3.40
CA ASP D 129 24.26 -41.70 2.22
C ASP D 129 22.78 -42.05 2.36
N ALA D 130 22.40 -42.62 3.51
CA ALA D 130 21.02 -43.00 3.72
C ALA D 130 20.12 -41.76 3.85
N LEU D 131 20.62 -40.70 4.48
CA LEU D 131 19.81 -39.48 4.56
C LEU D 131 19.58 -38.90 3.17
N ALA D 132 20.55 -39.03 2.27
CA ALA D 132 20.32 -38.65 0.89
C ALA D 132 19.37 -39.62 0.22
N ALA D 133 19.45 -40.90 0.58
CA ALA D 133 18.61 -41.91 -0.03
C ALA D 133 17.17 -41.78 0.41
N LEU D 134 16.96 -41.39 1.67
CA LEU D 134 15.61 -41.16 2.17
C LEU D 134 14.97 -39.95 1.52
N ASN D 135 15.76 -38.94 1.15
CA ASN D 135 15.18 -37.82 0.44
C ASN D 135 14.66 -38.24 -0.93
N GLU D 136 15.20 -39.33 -1.49
CA GLU D 136 14.66 -39.87 -2.74
C GLU D 136 13.34 -40.60 -2.53
N LEU D 137 13.14 -41.22 -1.37
CA LEU D 137 11.81 -41.66 -0.99
C LEU D 137 10.84 -40.49 -0.99
N ARG D 138 11.25 -39.38 -0.37
CA ARG D 138 10.35 -38.24 -0.25
C ARG D 138 10.17 -37.55 -1.59
N ARG D 139 11.20 -37.50 -2.42
CA ARG D 139 11.02 -37.06 -3.80
C ARG D 139 10.10 -38.02 -4.55
N ASP D 140 10.25 -39.32 -4.31
CA ASP D 140 9.45 -40.31 -5.02
C ASP D 140 7.98 -40.19 -4.66
N TYR D 141 7.72 -40.04 -3.36
CA TYR D 141 6.37 -39.81 -2.88
C TYR D 141 5.78 -38.56 -3.54
N GLU D 142 6.57 -37.49 -3.68
CA GLU D 142 6.05 -36.30 -4.31
C GLU D 142 5.72 -36.54 -5.78
N ARG D 143 6.42 -37.49 -6.42
CA ARG D 143 6.14 -37.85 -7.81
C ARG D 143 4.72 -38.39 -8.01
N MET D 144 4.16 -39.06 -7.01
CA MET D 144 2.77 -39.51 -7.11
C MET D 144 1.83 -38.33 -7.31
N PHE D 145 1.95 -37.32 -6.46
CA PHE D 145 1.05 -36.17 -6.55
C PHE D 145 1.25 -35.44 -7.86
N HIS D 146 2.49 -35.34 -8.32
CA HIS D 146 2.72 -34.71 -9.62
C HIS D 146 2.04 -35.50 -10.73
N HIS D 147 2.17 -36.83 -10.71
CA HIS D 147 1.56 -37.64 -11.75
C HIS D 147 0.04 -37.45 -11.79
N VAL D 148 -0.62 -37.48 -10.64
CA VAL D 148 -2.07 -37.31 -10.59
C VAL D 148 -2.45 -35.88 -11.03
N ILE D 149 -1.64 -34.89 -10.68
CA ILE D 149 -1.99 -33.51 -11.04
C ILE D 149 -1.95 -33.34 -12.56
N THR D 150 -0.89 -33.85 -13.19
CA THR D 150 -0.84 -33.89 -14.65
C THR D 150 -2.07 -34.54 -15.25
N GLU D 151 -2.40 -35.76 -14.79
CA GLU D 151 -3.63 -36.43 -15.24
C GLU D 151 -4.86 -35.61 -14.90
N GLY D 152 -4.91 -35.05 -13.69
CA GLY D 152 -6.03 -34.20 -13.32
C GLY D 152 -6.21 -33.04 -14.28
N ILE D 153 -5.13 -32.35 -14.62
CA ILE D 153 -5.21 -31.29 -15.62
C ILE D 153 -5.61 -31.87 -16.97
N ALA D 154 -4.98 -32.98 -17.37
CA ALA D 154 -5.27 -33.56 -18.68
C ALA D 154 -6.75 -33.89 -18.85
N ASP D 155 -7.42 -34.37 -17.79
CA ASP D 155 -8.83 -34.71 -17.89
C ASP D 155 -9.75 -33.54 -17.53
N GLY D 156 -9.20 -32.39 -17.18
CA GLY D 156 -10.04 -31.23 -17.01
C GLY D 156 -10.71 -31.11 -15.67
N SER D 157 -10.59 -32.13 -14.80
CA SER D 157 -11.05 -31.97 -13.43
C SER D 157 -10.20 -30.99 -12.62
N LEU D 158 -9.05 -30.58 -13.14
CA LEU D 158 -8.20 -29.55 -12.54
C LEU D 158 -8.07 -28.38 -13.51
N ARG D 159 -7.75 -27.22 -12.95
CA ARG D 159 -7.49 -26.04 -13.75
C ARG D 159 -6.23 -26.24 -14.61
N ASN D 160 -6.25 -25.62 -15.79
CA ASN D 160 -5.07 -25.67 -16.63
C ASN D 160 -4.00 -24.75 -16.05
N VAL D 161 -3.13 -25.29 -15.19
CA VAL D 161 -2.11 -24.52 -14.48
C VAL D 161 -0.76 -25.20 -14.69
N ASP D 162 0.27 -24.63 -14.07
CA ASP D 162 1.60 -25.22 -14.10
C ASP D 162 1.67 -26.42 -13.18
N ASP D 163 1.87 -27.61 -13.75
CA ASP D 163 1.83 -28.84 -12.98
C ASP D 163 3.00 -28.95 -12.00
N ALA D 164 4.18 -28.43 -12.36
CA ALA D 164 5.27 -28.48 -11.39
C ALA D 164 5.05 -27.49 -10.25
N LEU D 165 4.67 -26.25 -10.56
CA LEU D 165 4.39 -25.29 -9.50
C LEU D 165 3.22 -25.77 -8.64
N ALA D 166 2.18 -26.30 -9.29
CA ALA D 166 1.03 -26.79 -8.55
C ALA D 166 1.43 -27.94 -7.62
N THR D 167 2.27 -28.85 -8.10
CA THR D 167 2.76 -29.93 -7.25
C THR D 167 3.54 -29.37 -6.07
N ARG D 168 4.48 -28.44 -6.34
CA ARG D 168 5.30 -27.84 -5.29
C ARG D 168 4.43 -27.11 -4.27
N THR D 169 3.46 -26.34 -4.73
CA THR D 169 2.63 -25.56 -3.83
C THR D 169 1.74 -26.46 -2.99
N LEU D 170 1.06 -27.39 -3.65
CA LEU D 170 0.11 -28.23 -2.94
C LEU D 170 0.80 -29.06 -1.87
N LEU D 171 1.98 -29.55 -2.17
CA LEU D 171 2.65 -30.36 -1.17
C LEU D 171 3.14 -29.49 -0.01
N SER D 172 3.76 -28.34 -0.28
CA SER D 172 4.18 -27.54 0.85
C SER D 172 2.98 -27.02 1.64
N ASN D 173 1.83 -26.90 0.99
CA ASN D 173 0.61 -26.56 1.70
C ASN D 173 0.07 -27.72 2.53
N LEU D 174 0.11 -28.94 2.01
CA LEU D 174 -0.33 -30.07 2.83
C LEU D 174 0.58 -30.24 4.03
N ASN D 175 1.87 -30.00 3.85
CA ASN D 175 2.81 -30.09 4.96
C ASN D 175 2.81 -28.85 5.85
N ALA D 176 2.19 -27.74 5.44
CA ALA D 176 2.14 -26.56 6.29
C ALA D 176 1.11 -26.67 7.41
N VAL D 177 0.23 -27.67 7.38
CA VAL D 177 -0.83 -27.77 8.39
C VAL D 177 -0.24 -27.75 9.80
N ASP D 178 1.01 -28.22 9.95
CA ASP D 178 1.65 -28.35 11.25
C ASP D 178 2.08 -27.01 11.84
N VAL D 179 1.95 -25.91 11.11
CA VAL D 179 2.16 -24.57 11.68
C VAL D 179 1.13 -24.28 12.78
N TRP D 180 -0.13 -24.60 12.53
CA TRP D 180 -1.19 -24.29 13.49
C TRP D 180 -1.80 -25.51 14.14
N TYR D 181 -1.58 -26.71 13.61
CA TYR D 181 -2.21 -27.90 14.17
C TYR D 181 -1.45 -28.41 15.38
N ARG D 182 -2.20 -28.69 16.45
CA ARG D 182 -1.70 -29.31 17.66
C ARG D 182 -2.60 -30.49 17.97
N LYS D 183 -2.02 -31.61 18.39
CA LYS D 183 -2.88 -32.72 18.79
C LYS D 183 -3.74 -32.26 19.97
N ILE D 184 -5.03 -32.54 19.89
CA ILE D 184 -5.97 -32.20 20.95
C ILE D 184 -6.31 -33.49 21.69
N GLU D 185 -6.25 -33.43 23.02
CA GLU D 185 -6.57 -34.61 23.81
C GLU D 185 -7.97 -35.09 23.50
N GLY D 186 -8.12 -36.42 23.39
CA GLY D 186 -9.40 -37.04 23.15
C GLY D 186 -10.06 -36.66 21.84
N GLN D 187 -9.35 -35.93 20.99
CA GLN D 187 -9.89 -35.63 19.67
C GLN D 187 -9.90 -36.89 18.82
N THR D 188 -11.03 -37.13 18.15
CA THR D 188 -11.33 -38.40 17.52
C THR D 188 -10.68 -38.58 16.14
N GLU D 189 -10.48 -39.85 15.77
CA GLU D 189 -10.04 -40.16 14.41
C GLU D 189 -11.08 -39.73 13.38
N LYS D 190 -12.35 -39.69 13.76
CA LYS D 190 -13.34 -39.08 12.89
C LYS D 190 -13.12 -37.57 12.74
N GLU D 191 -12.89 -36.87 13.86
CA GLU D 191 -12.78 -35.42 13.82
C GLU D 191 -11.53 -34.95 13.09
N VAL D 192 -10.44 -35.73 13.20
CA VAL D 192 -9.25 -35.47 12.40
C VAL D 192 -9.59 -35.57 10.92
N HIS D 193 -10.28 -36.64 10.55
CA HIS D 193 -10.61 -36.89 9.16
C HIS D 193 -11.50 -35.78 8.61
N ASP D 194 -12.43 -35.27 9.42
CA ASP D 194 -13.27 -34.15 9.01
C ASP D 194 -12.47 -32.87 8.83
N LEU D 195 -11.55 -32.58 9.77
CA LEU D 195 -10.76 -31.36 9.68
C LEU D 195 -9.80 -31.41 8.51
N ALA D 196 -9.21 -32.58 8.27
CA ALA D 196 -8.32 -32.75 7.13
C ALA D 196 -9.07 -32.51 5.82
N SER D 197 -10.30 -33.01 5.71
CA SER D 197 -11.10 -32.78 4.51
C SER D 197 -11.45 -31.30 4.36
N GLN D 198 -11.81 -30.65 5.47
CA GLN D 198 -12.00 -29.22 5.42
C GLN D 198 -10.74 -28.54 4.89
N VAL D 199 -9.57 -28.94 5.40
CA VAL D 199 -8.33 -28.30 4.95
C VAL D 199 -8.14 -28.53 3.44
N VAL D 200 -8.17 -29.80 3.01
CA VAL D 200 -7.98 -30.12 1.59
C VAL D 200 -9.05 -29.46 0.70
N ASP D 201 -10.27 -29.28 1.21
CA ASP D 201 -11.25 -28.52 0.43
C ASP D 201 -10.76 -27.08 0.14
N LEU D 202 -10.04 -26.46 1.07
CA LEU D 202 -9.49 -25.13 0.81
C LEU D 202 -8.32 -25.20 -0.17
N LEU D 203 -7.43 -26.18 -0.01
CA LEU D 203 -6.24 -26.23 -0.86
C LEU D 203 -6.60 -26.54 -2.30
N ILE D 204 -7.56 -27.44 -2.53
CA ILE D 204 -7.92 -27.81 -3.90
C ILE D 204 -8.96 -26.86 -4.46
N GLY D 205 -10.01 -26.59 -3.68
CA GLY D 205 -11.06 -25.70 -4.16
C GLY D 205 -10.69 -24.23 -4.20
N GLY D 206 -9.72 -23.79 -3.40
CA GLY D 206 -9.42 -22.38 -3.28
C GLY D 206 -10.30 -21.64 -2.28
N ILE D 207 -10.09 -20.33 -2.19
CA ILE D 207 -10.93 -19.48 -1.31
C ILE D 207 -11.78 -18.57 -2.20
N GLY D 208 -11.33 -18.33 -3.42
CA GLY D 208 -12.06 -17.49 -4.37
C GLY D 208 -13.35 -18.16 -4.79
N ALA D 209 -14.38 -17.38 -5.09
CA ALA D 209 -15.71 -17.93 -5.43
C ALA D 209 -16.14 -17.59 -6.85
N THR D 210 -15.94 -18.51 -7.81
CA THR D 210 -16.39 -18.33 -9.21
C THR D 210 -16.43 -19.68 -9.91
#